data_6VXO
#
_entry.id   6VXO
#
_cell.length_a   1.00
_cell.length_b   1.00
_cell.length_c   1.00
_cell.angle_alpha   90.00
_cell.angle_beta   90.00
_cell.angle_gamma   90.00
#
_symmetry.space_group_name_H-M   'P 1'
#
loop_
_entity.id
_entity.type
_entity.pdbx_description
1 polymer 'NaChBac-Nav1.7VSDII chimera'
2 non-polymer '(2S)-3-(hexadecanoyloxy)-2-[(9Z)-octadec-9-enoyloxy]propyl 2-(trimethylammonio)ethyl phosphate'
#
_entity_poly.entity_id   1
_entity_poly.type   'polypeptide(L)'
_entity_poly.pdbx_seq_one_letter_code
;MKMEARQKQNSFTSKMQKIVNHRAFTFTVIALILFNALIVGIETYPRIYADHKWLFYRIDLVLLWIFTIEIAMRFLASNP
KSAFFRSSWNWFDFLIVTLSLVELFLADVEGLSVLRILRVLRVLRAISVVPSLRRLVDALVMTIPALGNILILMSIFFYI
FAVIGTMLFQHVSPEYFGNLQLSLLTLFQVVTLESWASGVMRPIFAEVPWSWLYFVSFVLIGTFIIFNLFIGVIVNNVEK
AELTDNEEDGEADGLKQEISALRKDVAELKSLLKQSK
;
_entity_poly.pdbx_strand_id   A,C,D,E
#
loop_
_chem_comp.id
_chem_comp.type
_chem_comp.name
_chem_comp.formula
POV non-polymer '(2S)-3-(hexadecanoyloxy)-2-[(9Z)-octadec-9-enoyloxy]propyl 2-(trimethylammonio)ethyl phosphate' 'C42 H82 N O8 P'
#
# COMPACT_ATOMS: atom_id res chain seq x y z
N LYS A 15 24.03 10.09 55.02
CA LYS A 15 24.47 8.80 54.51
C LYS A 15 23.65 8.39 53.30
N MET A 16 22.38 8.79 53.30
CA MET A 16 21.53 8.52 52.15
C MET A 16 21.85 9.47 51.02
N GLN A 17 21.66 9.00 49.79
CA GLN A 17 21.91 9.81 48.61
C GLN A 17 20.61 10.50 48.24
N LYS A 18 20.50 11.79 48.56
CA LYS A 18 19.23 12.49 48.45
C LYS A 18 19.04 13.14 47.08
N ILE A 19 19.91 14.09 46.72
CA ILE A 19 19.78 14.83 45.48
C ILE A 19 20.84 14.33 44.51
N VAL A 20 20.41 13.95 43.31
CA VAL A 20 21.34 13.45 42.31
C VAL A 20 21.07 14.05 40.94
N ASN A 21 19.91 14.68 40.78
CA ASN A 21 19.45 15.11 39.47
C ASN A 21 19.70 16.60 39.24
N HIS A 22 19.88 16.96 37.98
CA HIS A 22 20.04 18.35 37.56
C HIS A 22 19.72 18.44 36.07
N ARG A 23 19.99 19.62 35.48
CA ARG A 23 19.57 19.87 34.11
C ARG A 23 20.27 18.93 33.12
N ALA A 24 21.59 19.05 33.01
CA ALA A 24 22.34 18.27 32.05
C ALA A 24 22.49 16.80 32.44
N PHE A 25 21.95 16.43 33.61
CA PHE A 25 22.00 15.05 34.10
C PHE A 25 21.67 14.06 33.00
N THR A 26 20.79 14.43 32.08
CA THR A 26 20.50 13.65 30.89
C THR A 26 21.22 14.17 29.65
N PHE A 27 21.22 15.50 29.47
CA PHE A 27 21.76 16.11 28.27
C PHE A 27 23.13 15.55 27.91
N THR A 28 24.02 15.45 28.91
CA THR A 28 25.34 14.92 28.61
C THR A 28 25.26 13.48 28.14
N VAL A 29 24.35 12.70 28.70
CA VAL A 29 24.23 11.29 28.33
C VAL A 29 23.76 11.16 26.90
N ILE A 30 22.74 11.94 26.52
CA ILE A 30 22.22 11.81 25.17
C ILE A 30 23.24 12.30 24.15
N ALA A 31 23.98 13.36 24.49
CA ALA A 31 25.05 13.81 23.61
C ALA A 31 26.09 12.71 23.43
N LEU A 32 26.48 12.07 24.52
CA LEU A 32 27.47 11.02 24.45
C LEU A 32 26.96 9.87 23.59
N ILE A 33 25.68 9.52 23.73
CA ILE A 33 25.08 8.46 22.93
C ILE A 33 25.15 8.82 21.46
N LEU A 34 24.87 10.08 21.14
CA LEU A 34 24.97 10.50 19.74
C LEU A 34 26.38 10.29 19.22
N PHE A 35 27.38 10.68 20.02
CA PHE A 35 28.75 10.46 19.58
C PHE A 35 29.04 8.98 19.41
N ASN A 36 28.47 8.16 20.30
CA ASN A 36 28.62 6.72 20.19
C ASN A 36 28.09 6.22 18.87
N ALA A 37 26.90 6.69 18.49
CA ALA A 37 26.34 6.33 17.20
C ALA A 37 27.27 6.74 16.07
N LEU A 38 27.79 7.96 16.15
CA LEU A 38 28.67 8.45 15.08
C LEU A 38 29.88 7.54 14.91
N ILE A 39 30.51 7.17 16.02
CA ILE A 39 31.75 6.39 15.90
C ILE A 39 31.43 4.97 15.46
N VAL A 40 30.36 4.38 16.01
CA VAL A 40 30.03 3.02 15.62
C VAL A 40 29.58 2.96 14.18
N GLY A 41 29.13 4.08 13.62
CA GLY A 41 28.82 4.11 12.21
C GLY A 41 30.08 4.21 11.39
N ILE A 42 30.94 5.16 11.73
CA ILE A 42 32.20 5.34 11.01
C ILE A 42 32.94 4.02 10.93
N GLU A 43 32.99 3.29 12.04
CA GLU A 43 33.85 2.12 12.11
C GLU A 43 33.49 1.07 11.07
N THR A 44 32.37 1.20 10.38
CA THR A 44 31.94 0.20 9.41
C THR A 44 32.61 0.35 8.05
N TYR A 45 33.61 1.23 7.93
CA TYR A 45 34.35 1.35 6.69
C TYR A 45 35.61 0.52 6.79
N PRO A 46 35.95 -0.29 5.79
CA PRO A 46 37.07 -1.22 5.97
C PRO A 46 38.41 -0.53 6.10
N ARG A 47 38.74 0.36 5.17
CA ARG A 47 40.04 1.01 5.19
C ARG A 47 40.21 1.88 6.43
N ILE A 48 39.29 2.81 6.65
CA ILE A 48 39.45 3.79 7.71
C ILE A 48 39.54 3.10 9.07
N TYR A 49 38.69 2.10 9.29
CA TYR A 49 38.77 1.33 10.53
C TYR A 49 40.07 0.56 10.61
N ALA A 50 40.52 -0.02 9.49
CA ALA A 50 41.73 -0.83 9.53
C ALA A 50 42.98 0.00 9.71
N ASP A 51 42.90 1.31 9.55
CA ASP A 51 44.09 2.15 9.69
C ASP A 51 44.24 2.75 11.08
N HIS A 52 43.15 2.94 11.81
CA HIS A 52 43.22 3.46 13.17
C HIS A 52 42.39 2.54 14.05
N LYS A 53 43.00 1.44 14.48
CA LYS A 53 42.24 0.49 15.27
C LYS A 53 42.42 0.70 16.76
N TRP A 54 43.63 1.08 17.17
CA TRP A 54 43.89 1.31 18.59
C TRP A 54 42.96 2.36 19.17
N LEU A 55 42.77 3.45 18.43
CA LEU A 55 41.92 4.53 18.91
C LEU A 55 40.49 4.05 19.05
N PHE A 56 39.98 3.35 18.04
CA PHE A 56 38.63 2.83 18.11
C PHE A 56 38.47 1.89 19.29
N TYR A 57 39.46 1.01 19.49
CA TYR A 57 39.45 0.13 20.64
C TYR A 57 39.29 0.93 21.93
N ARG A 58 40.19 1.90 22.15
CA ARG A 58 40.22 2.60 23.42
C ARG A 58 38.93 3.39 23.63
N ILE A 59 38.40 4.01 22.57
CA ILE A 59 37.20 4.80 22.76
C ILE A 59 36.00 3.90 23.00
N ASP A 60 35.94 2.73 22.34
CA ASP A 60 34.85 1.83 22.64
C ASP A 60 34.89 1.42 24.10
N LEU A 61 36.08 1.07 24.59
CA LEU A 61 36.21 0.70 25.99
C LEU A 61 35.73 1.82 26.90
N VAL A 62 36.18 3.04 26.65
CA VAL A 62 35.85 4.12 27.57
C VAL A 62 34.36 4.42 27.54
N LEU A 63 33.75 4.41 26.35
CA LEU A 63 32.30 4.64 26.26
C LEU A 63 31.53 3.56 27.01
N LEU A 64 31.95 2.31 26.85
CA LEU A 64 31.34 1.23 27.61
C LEU A 64 31.38 1.56 29.10
N TRP A 65 32.55 1.98 29.58
CA TRP A 65 32.68 2.25 31.01
C TRP A 65 31.85 3.44 31.44
N ILE A 66 31.69 4.43 30.56
CA ILE A 66 30.86 5.58 30.91
C ILE A 66 29.42 5.13 31.10
N PHE A 67 28.88 4.37 30.15
CA PHE A 67 27.51 3.88 30.29
C PHE A 67 27.38 3.05 31.56
N THR A 68 28.38 2.21 31.83
CA THR A 68 28.36 1.37 33.01
C THR A 68 28.23 2.22 34.27
N ILE A 69 29.16 3.14 34.46
CA ILE A 69 29.15 3.94 35.69
C ILE A 69 27.90 4.79 35.73
N GLU A 70 27.35 5.16 34.59
CA GLU A 70 26.13 5.97 34.55
C GLU A 70 24.97 5.19 35.15
N ILE A 71 24.68 4.04 34.55
CA ILE A 71 23.54 3.26 35.01
C ILE A 71 23.76 2.81 36.45
N ALA A 72 25.01 2.56 36.83
CA ALA A 72 25.28 2.18 38.21
C ALA A 72 25.01 3.35 39.15
N MET A 73 25.36 4.56 38.73
CA MET A 73 25.06 5.74 39.52
C MET A 73 23.57 5.85 39.75
N ARG A 74 22.78 5.71 38.68
CA ARG A 74 21.34 5.77 38.84
C ARG A 74 20.86 4.69 39.79
N PHE A 75 21.36 3.46 39.63
CA PHE A 75 20.94 2.36 40.48
C PHE A 75 21.18 2.70 41.95
N LEU A 76 22.42 3.00 42.30
CA LEU A 76 22.72 3.28 43.70
C LEU A 76 21.91 4.46 44.20
N ALA A 77 21.78 5.51 43.41
CA ALA A 77 20.94 6.62 43.80
C ALA A 77 19.53 6.48 43.24
N SER A 78 18.96 5.29 43.39
CA SER A 78 17.57 5.10 43.00
C SER A 78 16.74 4.46 44.12
N ASN A 79 17.12 4.64 45.38
CA ASN A 79 16.43 4.04 46.52
C ASN A 79 16.29 2.54 46.30
N PRO A 80 17.39 1.78 46.42
CA PRO A 80 17.41 0.37 45.96
C PRO A 80 16.24 -0.48 46.41
N LYS A 81 16.00 -0.54 47.72
CA LYS A 81 14.97 -1.43 48.24
C LYS A 81 13.59 -1.11 47.67
N SER A 82 13.31 0.15 47.39
CA SER A 82 12.06 0.52 46.76
C SER A 82 12.15 0.28 45.26
N ALA A 83 11.17 0.77 44.51
CA ALA A 83 10.97 0.36 43.13
C ALA A 83 11.96 1.07 42.22
N PHE A 84 13.08 0.40 41.95
CA PHE A 84 13.93 0.75 40.81
C PHE A 84 13.94 -0.36 39.78
N PHE A 85 14.37 -1.56 40.17
CA PHE A 85 14.29 -2.72 39.30
C PHE A 85 12.85 -3.15 39.06
N ARG A 86 11.90 -2.52 39.75
CA ARG A 86 10.49 -2.82 39.54
C ARG A 86 9.97 -2.19 38.26
N SER A 87 10.53 -1.06 37.84
CA SER A 87 10.10 -0.38 36.62
C SER A 87 10.85 -0.93 35.41
N SER A 88 10.09 -1.18 34.33
CA SER A 88 10.59 -1.98 33.23
C SER A 88 11.65 -1.25 32.41
N TRP A 89 11.53 0.07 32.29
CA TRP A 89 12.47 0.83 31.49
C TRP A 89 13.91 0.60 31.96
N ASN A 90 14.12 0.67 33.27
CA ASN A 90 15.46 0.48 33.81
C ASN A 90 15.93 -0.95 33.58
N TRP A 91 15.00 -1.91 33.61
CA TRP A 91 15.36 -3.26 33.21
C TRP A 91 15.88 -3.28 31.79
N PHE A 92 15.26 -2.51 30.90
CA PHE A 92 15.68 -2.49 29.51
C PHE A 92 17.08 -1.87 29.40
N ASP A 93 17.29 -0.75 30.08
CA ASP A 93 18.61 -0.13 30.11
C ASP A 93 19.66 -1.12 30.58
N PHE A 94 19.39 -1.78 31.71
CA PHE A 94 20.32 -2.73 32.28
C PHE A 94 20.61 -3.85 31.30
N LEU A 95 19.58 -4.37 30.65
CA LEU A 95 19.78 -5.40 29.65
C LEU A 95 20.73 -4.93 28.57
N ILE A 96 20.53 -3.71 28.09
CA ILE A 96 21.38 -3.20 27.01
C ILE A 96 22.83 -3.14 27.45
N VAL A 97 23.05 -2.62 28.66
CA VAL A 97 24.43 -2.52 29.14
C VAL A 97 25.04 -3.89 29.31
N THR A 98 24.27 -4.85 29.83
CA THR A 98 24.78 -6.20 29.97
C THR A 98 25.10 -6.82 28.63
N LEU A 99 24.32 -6.47 27.60
CA LEU A 99 24.61 -7.04 26.29
C LEU A 99 25.91 -6.48 25.74
N SER A 100 26.14 -5.18 25.91
CA SER A 100 27.42 -4.61 25.55
C SER A 100 28.55 -5.30 26.31
N LEU A 101 28.32 -5.59 27.59
CA LEU A 101 29.35 -6.27 28.37
C LEU A 101 29.59 -7.69 27.88
N VAL A 102 28.53 -8.40 27.51
CA VAL A 102 28.66 -9.72 26.91
C VAL A 102 29.56 -9.63 25.70
N GLU A 103 29.29 -8.64 24.85
CA GLU A 103 30.18 -8.37 23.73
C GLU A 103 31.62 -8.25 24.20
N LEU A 104 31.87 -7.39 25.18
CA LEU A 104 33.26 -7.13 25.57
C LEU A 104 33.94 -8.38 26.12
N PHE A 105 33.45 -8.89 27.25
CA PHE A 105 34.13 -9.97 27.95
C PHE A 105 34.10 -11.29 27.19
N LEU A 106 33.29 -11.40 26.15
CA LEU A 106 33.27 -12.57 25.28
C LEU A 106 33.59 -12.11 23.86
N ALA A 107 34.65 -11.31 23.74
CA ALA A 107 34.86 -10.49 22.55
C ALA A 107 34.93 -11.28 21.25
N ASP A 108 35.98 -12.08 21.08
CA ASP A 108 36.28 -12.62 19.76
C ASP A 108 36.75 -14.07 19.85
N VAL A 109 36.01 -14.90 20.59
CA VAL A 109 36.42 -16.30 20.68
C VAL A 109 36.37 -16.90 19.27
N GLU A 110 35.18 -17.16 18.74
CA GLU A 110 35.02 -17.25 17.29
C GLU A 110 33.70 -16.63 16.85
N GLY A 111 32.64 -16.87 17.62
CA GLY A 111 31.30 -16.55 17.19
C GLY A 111 31.02 -15.07 17.28
N LEU A 112 31.81 -14.28 16.57
CA LEU A 112 31.75 -12.82 16.67
C LEU A 112 30.78 -12.20 15.68
N SER A 113 30.47 -12.89 14.59
CA SER A 113 29.62 -12.31 13.55
C SER A 113 28.33 -11.77 14.13
N VAL A 114 27.67 -12.55 14.98
CA VAL A 114 26.41 -12.13 15.56
C VAL A 114 26.71 -11.56 16.93
N LEU A 115 27.97 -11.19 17.16
CA LEU A 115 28.32 -10.54 18.41
C LEU A 115 28.68 -9.08 18.24
N ARG A 116 29.40 -8.72 17.18
CA ARG A 116 29.67 -7.32 16.93
C ARG A 116 28.38 -6.52 16.80
N ILE A 117 27.29 -7.17 16.39
CA ILE A 117 26.02 -6.47 16.21
C ILE A 117 25.61 -5.79 17.50
N LEU A 118 25.69 -6.50 18.63
CA LEU A 118 25.25 -5.89 19.88
C LEU A 118 26.04 -4.64 20.21
N ARG A 119 27.22 -4.47 19.62
CA ARG A 119 27.95 -3.23 19.76
C ARG A 119 27.18 -2.04 19.24
N VAL A 120 26.03 -2.27 18.60
CA VAL A 120 25.27 -1.21 17.94
C VAL A 120 24.07 -0.79 18.78
N LEU A 121 23.25 -1.73 19.20
CA LEU A 121 21.97 -1.35 19.79
C LEU A 121 22.13 -0.51 21.04
N ARG A 122 23.34 -0.34 21.55
CA ARG A 122 23.52 0.58 22.67
C ARG A 122 23.11 1.99 22.30
N VAL A 123 22.97 2.30 21.02
CA VAL A 123 22.49 3.63 20.65
C VAL A 123 21.00 3.76 20.88
N LEU A 124 20.23 2.69 20.73
CA LEU A 124 18.79 2.86 20.81
C LEU A 124 18.33 3.13 22.24
N ARG A 125 19.19 2.94 23.23
CA ARG A 125 18.79 3.40 24.55
C ARG A 125 18.52 4.87 24.58
N ALA A 126 18.80 5.57 23.47
CA ALA A 126 18.34 6.95 23.33
C ALA A 126 16.87 7.07 23.67
N ILE A 127 16.04 6.16 23.14
CA ILE A 127 14.60 6.29 23.36
C ILE A 127 14.25 6.14 24.82
N SER A 128 15.18 5.69 25.65
CA SER A 128 14.92 5.66 27.08
C SER A 128 15.14 7.02 27.72
N VAL A 129 16.18 7.74 27.30
CA VAL A 129 16.61 8.88 28.08
C VAL A 129 15.77 10.12 27.78
N VAL A 130 15.50 10.41 26.51
CA VAL A 130 14.73 11.59 26.16
C VAL A 130 13.26 11.33 26.44
N PRO A 131 12.63 12.11 27.33
CA PRO A 131 11.34 11.70 27.88
C PRO A 131 10.24 11.62 26.84
N SER A 132 10.27 12.47 25.82
CA SER A 132 9.21 12.44 24.82
C SER A 132 9.19 11.11 24.10
N LEU A 133 10.37 10.63 23.68
CA LEU A 133 10.43 9.34 23.02
C LEU A 133 10.00 8.23 23.96
N ARG A 134 10.38 8.32 25.23
CA ARG A 134 9.95 7.29 26.18
C ARG A 134 8.44 7.23 26.25
N ARG A 135 7.80 8.38 26.40
CA ARG A 135 6.34 8.41 26.48
C ARG A 135 5.72 7.87 25.20
N LEU A 136 6.26 8.26 24.06
CA LEU A 136 5.69 7.82 22.79
C LEU A 136 5.80 6.31 22.63
N VAL A 137 6.96 5.75 22.95
CA VAL A 137 7.16 4.31 22.77
C VAL A 137 6.29 3.53 23.74
N ASP A 138 6.20 3.99 24.99
CA ASP A 138 5.31 3.32 25.91
C ASP A 138 3.87 3.36 25.41
N ALA A 139 3.45 4.50 24.86
CA ALA A 139 2.10 4.59 24.31
C ALA A 139 1.91 3.58 23.18
N LEU A 140 2.88 3.53 22.26
CA LEU A 140 2.80 2.60 21.14
C LEU A 140 2.66 1.17 21.63
N VAL A 141 3.42 0.80 22.66
CA VAL A 141 3.31 -0.56 23.18
C VAL A 141 1.95 -0.77 23.81
N MET A 142 1.42 0.26 24.47
CA MET A 142 0.15 0.11 25.16
C MET A 142 -1.00 -0.19 24.21
N THR A 143 -0.79 -0.09 22.90
CA THR A 143 -1.80 -0.47 21.93
C THR A 143 -1.54 -1.85 21.33
N ILE A 144 -0.61 -2.61 21.89
CA ILE A 144 -0.42 -3.99 21.45
C ILE A 144 -1.51 -4.88 22.04
N PRO A 145 -1.80 -4.83 23.35
CA PRO A 145 -2.92 -5.64 23.87
C PRO A 145 -4.26 -5.23 23.31
N ALA A 146 -4.37 -4.05 22.71
CA ALA A 146 -5.58 -3.70 21.99
C ALA A 146 -5.82 -4.64 20.82
N LEU A 147 -4.89 -4.65 19.87
CA LEU A 147 -4.96 -5.58 18.75
C LEU A 147 -4.35 -6.92 19.13
N GLY A 148 -4.97 -7.55 20.13
CA GLY A 148 -4.48 -8.84 20.58
C GLY A 148 -5.03 -9.97 19.76
N ASN A 149 -6.36 -10.09 19.72
CA ASN A 149 -6.98 -11.25 19.09
C ASN A 149 -6.67 -11.29 17.60
N ILE A 150 -6.80 -10.15 16.93
CA ILE A 150 -6.59 -10.11 15.49
C ILE A 150 -5.27 -10.75 15.11
N LEU A 151 -4.24 -10.56 15.93
CA LEU A 151 -2.98 -11.21 15.63
C LEU A 151 -3.08 -12.71 15.78
N ILE A 152 -3.86 -13.19 16.74
CA ILE A 152 -4.06 -14.63 16.86
C ILE A 152 -4.76 -15.17 15.62
N LEU A 153 -5.77 -14.46 15.15
CA LEU A 153 -6.47 -14.85 13.94
C LEU A 153 -5.53 -14.88 12.76
N MET A 154 -4.67 -13.87 12.64
CA MET A 154 -3.74 -13.83 11.53
C MET A 154 -2.73 -14.96 11.60
N SER A 155 -2.29 -15.29 12.81
CA SER A 155 -1.37 -16.41 12.96
C SER A 155 -2.03 -17.71 12.54
N ILE A 156 -3.26 -17.95 12.99
CA ILE A 156 -4.00 -19.13 12.54
C ILE A 156 -4.05 -19.18 11.03
N PHE A 157 -4.39 -18.04 10.43
CA PHE A 157 -4.52 -17.98 8.98
C PHE A 157 -3.22 -18.35 8.29
N PHE A 158 -2.13 -17.72 8.71
CA PHE A 158 -0.84 -18.00 8.12
C PHE A 158 -0.49 -19.46 8.23
N TYR A 159 -0.68 -20.04 9.41
CA TYR A 159 -0.29 -21.42 9.62
C TYR A 159 -1.09 -22.35 8.72
N ILE A 160 -2.41 -22.14 8.67
CA ILE A 160 -3.26 -22.97 7.84
C ILE A 160 -2.79 -22.91 6.39
N PHE A 161 -2.59 -21.71 5.88
CA PHE A 161 -2.26 -21.61 4.46
C PHE A 161 -0.88 -22.16 4.17
N ALA A 162 0.06 -22.02 5.11
CA ALA A 162 1.38 -22.60 4.91
C ALA A 162 1.29 -24.11 4.82
N VAL A 163 0.55 -24.72 5.74
CA VAL A 163 0.39 -26.17 5.72
C VAL A 163 -0.25 -26.59 4.41
N ILE A 164 -1.28 -25.86 3.97
CA ILE A 164 -1.99 -26.26 2.77
C ILE A 164 -1.09 -26.15 1.55
N GLY A 165 -0.24 -25.11 1.52
CA GLY A 165 0.63 -24.95 0.38
C GLY A 165 1.69 -26.00 0.30
N THR A 166 2.36 -26.27 1.42
CA THR A 166 3.55 -27.11 1.35
C THR A 166 3.27 -28.51 0.88
N MET A 167 2.03 -28.98 0.97
CA MET A 167 1.71 -30.31 0.48
C MET A 167 1.25 -30.32 -0.96
N LEU A 168 0.73 -29.20 -1.45
CA LEU A 168 0.29 -29.12 -2.83
C LEU A 168 1.47 -28.92 -3.77
N PHE A 169 2.26 -27.87 -3.53
CA PHE A 169 3.27 -27.42 -4.47
C PHE A 169 4.66 -27.88 -4.08
N GLN A 170 4.77 -28.94 -3.30
CA GLN A 170 6.07 -29.34 -2.78
C GLN A 170 7.00 -29.81 -3.89
N HIS A 171 6.46 -30.51 -4.89
CA HIS A 171 7.29 -31.12 -5.91
C HIS A 171 7.22 -30.41 -7.24
N VAL A 172 6.67 -29.20 -7.28
CA VAL A 172 6.60 -28.46 -8.53
C VAL A 172 7.39 -27.18 -8.37
N SER A 173 7.50 -26.68 -7.13
CA SER A 173 8.29 -25.50 -6.83
C SER A 173 9.05 -25.74 -5.53
N PRO A 174 10.15 -26.49 -5.60
CA PRO A 174 10.95 -26.72 -4.39
C PRO A 174 11.50 -25.44 -3.81
N GLU A 175 11.67 -24.41 -4.63
CA GLU A 175 12.27 -23.17 -4.16
C GLU A 175 11.43 -22.52 -3.08
N TYR A 176 10.19 -22.15 -3.41
CA TYR A 176 9.38 -21.37 -2.48
C TYR A 176 8.67 -22.26 -1.49
N PHE A 177 8.07 -23.34 -1.97
CA PHE A 177 7.32 -24.26 -1.10
C PHE A 177 8.12 -25.54 -0.94
N GLY A 178 9.00 -25.55 0.04
CA GLY A 178 9.81 -26.73 0.26
C GLY A 178 9.58 -27.36 1.61
N ASN A 179 9.28 -26.53 2.61
CA ASN A 179 9.08 -27.00 3.96
C ASN A 179 8.00 -26.17 4.61
N LEU A 180 7.61 -26.54 5.81
CA LEU A 180 6.71 -25.68 6.56
C LEU A 180 7.41 -24.40 6.99
N GLN A 181 8.74 -24.41 7.08
CA GLN A 181 9.46 -23.19 7.42
C GLN A 181 9.62 -22.31 6.20
N LEU A 182 10.25 -22.84 5.15
CA LEU A 182 10.51 -22.06 3.95
C LEU A 182 9.22 -21.52 3.36
N SER A 183 8.18 -22.34 3.30
CA SER A 183 6.92 -21.86 2.78
C SER A 183 6.30 -20.80 3.65
N LEU A 184 6.62 -20.79 4.93
CA LEU A 184 6.11 -19.71 5.77
C LEU A 184 6.76 -18.39 5.45
N LEU A 185 7.72 -18.39 4.53
CA LEU A 185 8.31 -17.17 4.00
C LEU A 185 7.55 -16.71 2.77
N THR A 186 7.46 -17.59 1.77
CA THR A 186 6.69 -17.28 0.57
C THR A 186 5.29 -16.83 0.92
N LEU A 187 4.72 -17.32 2.01
CA LEU A 187 3.44 -16.81 2.44
C LEU A 187 3.56 -15.46 3.11
N PHE A 188 4.75 -14.98 3.40
CA PHE A 188 4.89 -13.65 3.96
C PHE A 188 5.16 -12.62 2.89
N GLN A 189 6.06 -12.92 1.97
CA GLN A 189 6.30 -11.98 0.89
C GLN A 189 5.21 -12.01 -0.14
N VAL A 190 4.09 -12.65 0.16
CA VAL A 190 2.89 -12.55 -0.65
C VAL A 190 1.83 -11.71 0.04
N VAL A 191 1.70 -11.81 1.35
CA VAL A 191 0.74 -10.98 2.04
C VAL A 191 1.11 -9.51 1.95
N THR A 192 2.38 -9.20 1.71
CA THR A 192 2.79 -7.83 1.46
C THR A 192 2.70 -7.46 0.00
N LEU A 193 2.07 -8.31 -0.81
CA LEU A 193 1.83 -8.03 -2.23
C LEU A 193 3.13 -7.74 -2.95
N GLU A 194 4.17 -8.48 -2.62
CA GLU A 194 5.48 -8.25 -3.22
C GLU A 194 5.77 -9.34 -4.24
N SER A 195 5.61 -9.00 -5.51
CA SER A 195 5.90 -9.91 -6.61
C SER A 195 5.16 -11.22 -6.45
N TRP A 196 3.95 -11.15 -5.88
CA TRP A 196 3.21 -12.37 -5.65
C TRP A 196 2.67 -12.96 -6.93
N ALA A 197 2.56 -12.18 -8.00
CA ALA A 197 2.04 -12.74 -9.24
C ALA A 197 3.16 -13.20 -10.16
N SER A 198 4.03 -12.28 -10.56
CA SER A 198 5.02 -12.60 -11.57
C SER A 198 6.32 -12.98 -10.88
N GLY A 199 6.36 -14.22 -10.40
CA GLY A 199 7.54 -14.72 -9.76
C GLY A 199 7.24 -15.64 -8.59
N VAL A 200 5.98 -15.73 -8.22
CA VAL A 200 5.58 -16.67 -7.18
C VAL A 200 4.47 -17.55 -7.71
N MET A 201 3.68 -17.04 -8.63
CA MET A 201 2.47 -17.72 -9.05
C MET A 201 2.48 -18.11 -10.51
N ARG A 202 2.73 -17.17 -11.41
CA ARG A 202 2.75 -17.50 -12.82
C ARG A 202 3.65 -18.67 -13.15
N PRO A 203 4.83 -18.85 -12.55
CA PRO A 203 5.61 -20.06 -12.84
C PRO A 203 5.07 -21.31 -12.19
N ILE A 204 4.18 -21.18 -11.20
CA ILE A 204 3.51 -22.33 -10.62
C ILE A 204 2.17 -22.58 -11.29
N PHE A 205 1.38 -21.53 -11.43
CA PHE A 205 0.11 -21.61 -12.13
C PHE A 205 0.24 -22.21 -13.53
N ALA A 206 1.45 -22.19 -14.09
CA ALA A 206 1.65 -22.82 -15.39
C ALA A 206 1.53 -24.33 -15.30
N GLU A 207 2.09 -24.92 -14.24
CA GLU A 207 2.08 -26.38 -14.14
C GLU A 207 0.78 -26.90 -13.56
N VAL A 208 0.48 -26.54 -12.33
CA VAL A 208 -0.80 -26.90 -11.72
C VAL A 208 -1.79 -25.80 -12.03
N PRO A 209 -2.67 -25.98 -13.00
CA PRO A 209 -3.47 -24.84 -13.47
C PRO A 209 -4.48 -24.37 -12.46
N TRP A 210 -4.99 -25.25 -11.62
CA TRP A 210 -5.96 -24.83 -10.63
C TRP A 210 -5.31 -24.16 -9.44
N SER A 211 -4.03 -23.80 -9.52
CA SER A 211 -3.35 -23.27 -8.36
C SER A 211 -3.85 -21.88 -8.01
N TRP A 212 -4.39 -21.15 -8.97
CA TRP A 212 -4.76 -19.77 -8.70
C TRP A 212 -5.68 -19.64 -7.51
N LEU A 213 -6.62 -20.58 -7.35
CA LEU A 213 -7.58 -20.50 -6.26
C LEU A 213 -6.89 -20.37 -4.91
N TYR A 214 -5.65 -20.82 -4.83
CA TYR A 214 -4.87 -20.60 -3.63
C TYR A 214 -4.65 -19.11 -3.39
N PHE A 215 -3.87 -18.48 -4.27
CA PHE A 215 -3.43 -17.11 -4.00
C PHE A 215 -4.61 -16.15 -4.01
N VAL A 216 -5.44 -16.21 -5.05
CA VAL A 216 -6.58 -15.33 -5.10
C VAL A 216 -7.48 -15.47 -3.90
N SER A 217 -7.41 -16.59 -3.19
CA SER A 217 -8.09 -16.66 -1.91
C SER A 217 -7.28 -15.95 -0.84
N PHE A 218 -6.04 -16.39 -0.64
CA PHE A 218 -5.21 -15.84 0.42
C PHE A 218 -5.10 -14.34 0.31
N VAL A 219 -4.53 -13.86 -0.79
CA VAL A 219 -4.36 -12.44 -1.04
C VAL A 219 -5.66 -11.70 -0.75
N LEU A 220 -6.79 -12.33 -1.05
CA LEU A 220 -8.06 -11.71 -0.68
C LEU A 220 -8.18 -11.64 0.83
N ILE A 221 -8.35 -12.80 1.47
CA ILE A 221 -8.78 -12.81 2.86
C ILE A 221 -7.73 -12.14 3.74
N GLY A 222 -6.47 -12.51 3.56
CA GLY A 222 -5.40 -11.82 4.26
C GLY A 222 -5.59 -10.33 4.23
N THR A 223 -5.67 -9.76 3.02
CA THR A 223 -5.86 -8.32 2.89
C THR A 223 -7.02 -7.86 3.74
N PHE A 224 -8.18 -8.50 3.58
CA PHE A 224 -9.35 -8.13 4.35
C PHE A 224 -9.00 -8.02 5.82
N ILE A 225 -8.47 -9.09 6.40
CA ILE A 225 -8.12 -9.08 7.82
C ILE A 225 -7.28 -7.85 8.12
N ILE A 226 -6.20 -7.68 7.37
CA ILE A 226 -5.29 -6.56 7.63
C ILE A 226 -6.06 -5.25 7.63
N PHE A 227 -6.85 -5.01 6.57
CA PHE A 227 -7.65 -3.80 6.53
C PHE A 227 -8.41 -3.63 7.83
N ASN A 228 -9.16 -4.65 8.22
CA ASN A 228 -9.95 -4.54 9.44
C ASN A 228 -9.08 -4.28 10.65
N LEU A 229 -7.95 -4.98 10.76
CA LEU A 229 -7.04 -4.72 11.86
C LEU A 229 -6.73 -3.25 11.95
N PHE A 230 -6.34 -2.66 10.83
CA PHE A 230 -6.04 -1.23 10.80
C PHE A 230 -7.22 -0.43 11.35
N ILE A 231 -8.42 -0.68 10.81
CA ILE A 231 -9.58 0.06 11.27
C ILE A 231 -9.82 -0.20 12.74
N GLY A 232 -9.60 -1.45 13.18
CA GLY A 232 -9.81 -1.77 14.58
C GLY A 232 -9.00 -0.89 15.51
N VAL A 233 -7.91 -0.34 15.02
CA VAL A 233 -7.12 0.57 15.84
C VAL A 233 -7.63 1.98 15.70
N ILE A 234 -7.97 2.39 14.47
CA ILE A 234 -8.38 3.77 14.22
C ILE A 234 -9.54 4.13 15.14
N VAL A 235 -10.69 3.46 14.95
CA VAL A 235 -11.77 3.74 15.87
C VAL A 235 -11.52 2.87 17.09
N ASN A 236 -10.43 3.21 17.76
CA ASN A 236 -10.15 2.94 19.15
C ASN A 236 -9.47 4.12 19.79
N ASN A 237 -8.85 5.00 19.00
CA ASN A 237 -8.27 6.23 19.52
C ASN A 237 -9.23 7.39 19.44
N VAL A 238 -10.20 7.34 18.53
CA VAL A 238 -11.31 8.27 18.58
C VAL A 238 -12.07 8.08 19.89
N GLU A 239 -12.06 6.87 20.42
CA GLU A 239 -12.75 6.58 21.68
C GLU A 239 -11.81 6.79 22.87
N LYS A 240 -10.56 6.37 22.75
CA LYS A 240 -9.58 6.63 23.80
C LYS A 240 -8.29 7.19 23.20
N LYS B 15 -34.14 -37.85 33.29
CA LYS B 15 -34.01 -38.36 31.94
C LYS B 15 -33.43 -37.30 31.01
N MET B 16 -33.76 -36.04 31.30
CA MET B 16 -33.21 -34.94 30.53
C MET B 16 -31.77 -34.68 30.96
N GLN B 17 -30.97 -34.21 30.00
CA GLN B 17 -29.57 -33.88 30.27
C GLN B 17 -29.51 -32.42 30.66
N LYS B 18 -29.35 -32.15 31.96
CA LYS B 18 -29.49 -30.80 32.48
C LYS B 18 -28.16 -30.05 32.50
N ILE B 19 -27.20 -30.53 33.26
CA ILE B 19 -25.91 -29.86 33.42
C ILE B 19 -24.86 -30.63 32.62
N VAL B 20 -24.14 -29.92 31.77
CA VAL B 20 -23.12 -30.57 30.96
C VAL B 20 -21.83 -29.75 30.92
N ASN B 21 -21.91 -28.49 31.35
CA ASN B 21 -20.81 -27.56 31.18
C ASN B 21 -19.99 -27.41 32.45
N HIS B 22 -18.71 -27.09 32.27
CA HIS B 22 -17.79 -26.81 33.37
C HIS B 22 -16.61 -26.02 32.82
N ARG B 23 -15.58 -25.83 33.66
CA ARG B 23 -14.48 -24.95 33.30
C ARG B 23 -13.71 -25.47 32.10
N ALA B 24 -13.09 -26.63 32.24
CA ALA B 24 -12.25 -27.18 31.16
C ALA B 24 -13.06 -27.74 30.01
N PHE B 25 -14.40 -27.71 30.12
CA PHE B 25 -15.28 -28.20 29.06
C PHE B 25 -14.84 -27.73 27.69
N THR B 26 -14.25 -26.55 27.60
CA THR B 26 -13.62 -26.07 26.38
C THR B 26 -12.11 -26.22 26.39
N PHE B 27 -11.48 -25.88 27.52
CA PHE B 27 -10.03 -25.87 27.63
C PHE B 27 -9.41 -27.14 27.05
N THR B 28 -9.96 -28.30 27.41
CA THR B 28 -9.40 -29.54 26.89
C THR B 28 -9.54 -29.60 25.38
N VAL B 29 -10.65 -29.11 24.85
CA VAL B 29 -10.88 -29.18 23.41
C VAL B 29 -9.88 -28.30 22.67
N ILE B 30 -9.67 -27.09 23.15
CA ILE B 30 -8.75 -26.19 22.45
C ILE B 30 -7.33 -26.70 22.55
N ALA B 31 -6.96 -27.27 23.70
CA ALA B 31 -5.64 -27.88 23.80
C ALA B 31 -5.48 -29.01 22.79
N LEU B 32 -6.51 -29.86 22.69
CA LEU B 32 -6.45 -30.96 21.75
C LEU B 32 -6.32 -30.46 20.32
N ILE B 33 -7.05 -29.39 20.00
CA ILE B 33 -6.98 -28.82 18.66
C ILE B 33 -5.57 -28.31 18.39
N LEU B 34 -4.95 -27.69 19.39
CA LEU B 34 -3.57 -27.25 19.21
C LEU B 34 -2.67 -28.43 18.89
N PHE B 35 -2.82 -29.53 19.62
CA PHE B 35 -2.00 -30.70 19.33
C PHE B 35 -2.29 -31.22 17.93
N ASN B 36 -3.55 -31.15 17.52
CA ASN B 36 -3.92 -31.55 16.17
C ASN B 36 -3.18 -30.72 15.14
N ALA B 37 -3.14 -29.41 15.34
CA ALA B 37 -2.39 -28.56 14.44
C ALA B 37 -0.92 -28.97 14.41
N LEU B 38 -0.34 -29.23 15.58
CA LEU B 38 1.07 -29.59 15.65
C LEU B 38 1.35 -30.83 14.82
N ILE B 39 0.51 -31.86 14.97
CA ILE B 39 0.79 -33.12 14.30
C ILE B 39 0.54 -32.98 12.80
N VAL B 40 -0.55 -32.30 12.42
CA VAL B 40 -0.84 -32.14 11.01
C VAL B 40 0.21 -31.28 10.34
N GLY B 41 0.91 -30.45 11.10
CA GLY B 41 2.01 -29.71 10.53
C GLY B 41 3.22 -30.58 10.35
N ILE B 42 3.60 -31.29 11.42
CA ILE B 42 4.76 -32.17 11.35
C ILE B 42 4.62 -33.11 10.16
N GLU B 43 3.43 -33.67 9.96
CA GLU B 43 3.28 -34.73 8.97
C GLU B 43 3.65 -34.28 7.57
N THR B 44 3.87 -33.00 7.34
CA THR B 44 4.17 -32.50 6.00
C THR B 44 5.64 -32.64 5.63
N TYR B 45 6.44 -33.34 6.44
CA TYR B 45 7.82 -33.60 6.08
C TYR B 45 7.92 -34.96 5.45
N PRO B 46 8.61 -35.12 4.32
CA PRO B 46 8.54 -36.41 3.61
C PRO B 46 9.18 -37.54 4.37
N ARG B 47 10.41 -37.37 4.82
CA ARG B 47 11.13 -38.45 5.50
C ARG B 47 10.45 -38.82 6.81
N ILE B 48 10.25 -37.84 7.68
CA ILE B 48 9.76 -38.13 9.02
C ILE B 48 8.39 -38.79 8.96
N TYR B 49 7.52 -38.29 8.09
CA TYR B 49 6.21 -38.93 7.92
C TYR B 49 6.36 -40.32 7.32
N ALA B 50 7.27 -40.49 6.36
CA ALA B 50 7.41 -41.78 5.70
C ALA B 50 8.03 -42.83 6.61
N ASP B 51 8.62 -42.42 7.74
CA ASP B 51 9.24 -43.39 8.63
C ASP B 51 8.33 -43.86 9.77
N HIS B 52 7.36 -43.05 10.17
CA HIS B 52 6.42 -43.43 11.21
C HIS B 52 5.02 -43.15 10.68
N LYS B 53 4.49 -44.08 9.90
CA LYS B 53 3.19 -43.83 9.31
C LYS B 53 2.06 -44.44 10.11
N TRP B 54 2.30 -45.60 10.72
CA TRP B 54 1.27 -46.27 11.51
C TRP B 54 0.82 -45.37 12.66
N LEU B 55 1.77 -44.73 13.33
CA LEU B 55 1.42 -43.87 14.45
C LEU B 55 0.58 -42.69 14.00
N PHE B 56 1.00 -42.05 12.91
CA PHE B 56 0.23 -40.92 12.38
C PHE B 56 -1.17 -41.36 12.00
N TYR B 57 -1.28 -42.51 11.35
CA TYR B 57 -2.58 -43.07 11.02
C TYR B 57 -3.45 -43.17 12.27
N ARG B 58 -2.94 -43.87 13.29
CA ARG B 58 -3.77 -44.15 14.46
C ARG B 58 -4.15 -42.87 15.19
N ILE B 59 -3.22 -41.91 15.27
CA ILE B 59 -3.56 -40.70 16.00
C ILE B 59 -4.54 -39.86 15.21
N ASP B 60 -4.42 -39.84 13.88
CA ASP B 60 -5.41 -39.11 13.11
C ASP B 60 -6.79 -39.69 13.34
N LEU B 61 -6.89 -41.03 13.30
CA LEU B 61 -8.16 -41.68 13.54
C LEU B 61 -8.72 -41.30 14.90
N VAL B 62 -7.89 -41.38 15.95
CA VAL B 62 -8.42 -41.15 17.28
C VAL B 62 -8.83 -39.69 17.45
N LEU B 63 -8.06 -38.75 16.92
CA LEU B 63 -8.46 -37.35 17.00
C LEU B 63 -9.77 -37.09 16.28
N LEU B 64 -9.92 -37.69 15.10
CA LEU B 64 -11.20 -37.61 14.40
C LEU B 64 -12.33 -38.05 15.31
N TRP B 65 -12.16 -39.19 15.96
CA TRP B 65 -13.23 -39.72 16.79
C TRP B 65 -13.47 -38.84 18.02
N ILE B 66 -12.43 -38.21 18.55
CA ILE B 66 -12.63 -37.30 19.68
C ILE B 66 -13.49 -36.13 19.26
N PHE B 67 -13.16 -35.49 18.14
CA PHE B 67 -13.98 -34.38 17.69
C PHE B 67 -15.41 -34.84 17.44
N THR B 68 -15.56 -36.02 16.84
CA THR B 68 -16.88 -36.56 16.56
C THR B 68 -17.70 -36.67 17.85
N ILE B 69 -17.18 -37.40 18.82
CA ILE B 69 -17.94 -37.62 20.04
C ILE B 69 -18.15 -36.31 20.78
N GLU B 70 -17.24 -35.34 20.61
CA GLU B 70 -17.39 -34.05 21.24
C GLU B 70 -18.62 -33.32 20.71
N ILE B 71 -18.62 -33.10 19.39
CA ILE B 71 -19.73 -32.36 18.81
C ILE B 71 -21.03 -33.11 19.01
N ALA B 72 -20.98 -34.45 19.01
CA ALA B 72 -22.19 -35.22 19.26
C ALA B 72 -22.67 -35.04 20.69
N MET B 73 -21.74 -34.97 21.64
CA MET B 73 -22.11 -34.70 23.02
C MET B 73 -22.82 -33.37 23.13
N ARG B 74 -22.26 -32.34 22.50
CA ARG B 74 -22.92 -31.05 22.53
C ARG B 74 -24.31 -31.13 21.91
N PHE B 75 -24.42 -31.80 20.76
CA PHE B 75 -25.70 -31.91 20.09
C PHE B 75 -26.75 -32.54 21.01
N LEU B 76 -26.46 -33.73 21.51
CA LEU B 76 -27.44 -34.41 22.36
C LEU B 76 -27.76 -33.57 23.58
N ALA B 77 -26.73 -32.98 24.21
CA ALA B 77 -26.99 -32.09 25.34
C ALA B 77 -27.10 -30.64 24.88
N SER B 78 -27.87 -30.41 23.84
CA SER B 78 -28.15 -29.04 23.41
C SER B 78 -29.64 -28.77 23.23
N ASN B 79 -30.51 -29.49 23.94
CA ASN B 79 -31.95 -29.35 23.82
C ASN B 79 -32.36 -29.46 22.35
N PRO B 80 -32.32 -30.67 21.78
CA PRO B 80 -32.43 -30.83 20.32
C PRO B 80 -33.56 -30.08 19.66
N LYS B 81 -34.79 -30.29 20.13
CA LYS B 81 -35.94 -29.69 19.47
C LYS B 81 -35.86 -28.17 19.45
N SER B 82 -35.28 -27.55 20.47
CA SER B 82 -35.09 -26.11 20.45
C SER B 82 -33.84 -25.77 19.63
N ALA B 83 -33.42 -24.52 19.71
CA ALA B 83 -32.46 -23.97 18.76
C ALA B 83 -31.05 -24.45 19.08
N PHE B 84 -30.64 -25.53 18.43
CA PHE B 84 -29.23 -25.87 18.33
C PHE B 84 -28.74 -25.78 16.89
N PHE B 85 -29.34 -26.56 16.00
CA PHE B 85 -29.05 -26.44 14.58
C PHE B 85 -29.54 -25.13 14.00
N ARG B 86 -30.26 -24.34 14.80
CA ARG B 86 -30.73 -23.03 14.35
C ARG B 86 -29.61 -22.00 14.36
N SER B 87 -28.63 -22.16 15.25
CA SER B 87 -27.51 -21.23 15.34
C SER B 87 -26.39 -21.63 14.39
N SER B 88 -25.85 -20.65 13.68
CA SER B 88 -25.00 -20.91 12.52
C SER B 88 -23.64 -21.48 12.92
N TRP B 89 -23.11 -21.05 14.06
CA TRP B 89 -21.79 -21.51 14.48
C TRP B 89 -21.74 -23.03 14.55
N ASN B 90 -22.75 -23.64 15.17
CA ASN B 90 -22.77 -25.08 15.29
C ASN B 90 -22.92 -25.74 13.93
N TRP B 91 -23.64 -25.09 13.02
CA TRP B 91 -23.65 -25.58 11.65
C TRP B 91 -22.25 -25.61 11.07
N PHE B 92 -21.45 -24.59 11.37
CA PHE B 92 -20.09 -24.53 10.85
C PHE B 92 -19.24 -25.64 11.45
N ASP B 93 -19.34 -25.83 12.76
CA ASP B 93 -18.65 -26.92 13.41
C ASP B 93 -19.01 -28.26 12.76
N PHE B 94 -20.31 -28.50 12.63
CA PHE B 94 -20.78 -29.75 12.04
C PHE B 94 -20.24 -29.94 10.65
N LEU B 95 -20.28 -28.89 9.84
CA LEU B 95 -19.72 -28.96 8.50
C LEU B 95 -18.26 -29.38 8.54
N ILE B 96 -17.48 -28.80 9.45
CA ILE B 96 -16.06 -29.12 9.51
C ILE B 96 -15.87 -30.59 9.84
N VAL B 97 -16.63 -31.09 10.82
CA VAL B 97 -16.48 -32.49 11.20
C VAL B 97 -16.88 -33.40 10.05
N THR B 98 -17.96 -33.05 9.36
CA THR B 98 -18.38 -33.85 8.22
C THR B 98 -17.34 -33.83 7.12
N LEU B 99 -16.63 -32.72 6.96
CA LEU B 99 -15.61 -32.68 5.92
C LEU B 99 -14.44 -33.58 6.28
N SER B 100 -14.04 -33.57 7.55
CA SER B 100 -13.03 -34.53 8.00
C SER B 100 -13.50 -35.96 7.76
N LEU B 101 -14.79 -36.22 7.99
CA LEU B 101 -15.31 -37.56 7.76
C LEU B 101 -15.29 -37.92 6.29
N VAL B 102 -15.66 -36.97 5.43
CA VAL B 102 -15.57 -37.18 3.99
C VAL B 102 -14.16 -37.59 3.62
N GLU B 103 -13.18 -36.86 4.16
CA GLU B 103 -11.79 -37.27 4.00
C GLU B 103 -11.61 -38.73 4.39
N LEU B 104 -12.03 -39.10 5.58
CA LEU B 104 -11.75 -40.45 6.07
C LEU B 104 -12.41 -41.52 5.20
N PHE B 105 -13.75 -41.53 5.17
CA PHE B 105 -14.47 -42.62 4.52
C PHE B 105 -14.31 -42.62 3.00
N LEU B 106 -13.77 -41.56 2.43
CA LEU B 106 -13.45 -41.49 1.01
C LEU B 106 -11.95 -41.24 0.86
N ALA B 107 -11.17 -42.01 1.60
CA ALA B 107 -9.78 -41.65 1.87
C ALA B 107 -8.92 -41.47 0.62
N ASP B 108 -8.67 -42.53 -0.12
CA ASP B 108 -7.62 -42.51 -1.13
C ASP B 108 -8.05 -43.26 -2.38
N VAL B 109 -9.26 -42.99 -2.88
CA VAL B 109 -9.67 -43.70 -4.09
C VAL B 109 -8.72 -43.32 -5.22
N GLU B 110 -8.81 -42.10 -5.74
CA GLU B 110 -7.67 -41.50 -6.43
C GLU B 110 -7.57 -40.02 -6.12
N GLY B 111 -8.71 -39.34 -6.10
CA GLY B 111 -8.74 -37.90 -6.06
C GLY B 111 -8.39 -37.36 -4.69
N LEU B 112 -7.19 -37.69 -4.22
CA LEU B 112 -6.78 -37.37 -2.86
C LEU B 112 -6.08 -36.02 -2.76
N SER B 113 -5.52 -35.53 -3.86
CA SER B 113 -4.74 -34.29 -3.81
C SER B 113 -5.54 -33.17 -3.16
N VAL B 114 -6.79 -32.99 -3.55
CA VAL B 114 -7.61 -31.92 -3.01
C VAL B 114 -8.47 -32.54 -1.92
N LEU B 115 -8.05 -33.69 -1.40
CA LEU B 115 -8.74 -34.29 -0.28
C LEU B 115 -7.94 -34.26 1.00
N ARG B 116 -6.63 -34.51 0.94
CA ARG B 116 -5.81 -34.38 2.12
C ARG B 116 -5.90 -32.99 2.72
N ILE B 117 -6.20 -31.99 1.90
CA ILE B 117 -6.28 -30.62 2.37
C ILE B 117 -7.29 -30.50 3.50
N LEU B 118 -8.47 -31.08 3.33
CA LEU B 118 -9.49 -30.96 4.37
C LEU B 118 -9.02 -31.53 5.69
N ARG B 119 -8.02 -32.40 5.67
CA ARG B 119 -7.40 -32.86 6.91
C ARG B 119 -6.82 -31.73 7.73
N VAL B 120 -6.79 -30.51 7.18
CA VAL B 120 -6.14 -29.38 7.83
C VAL B 120 -7.15 -28.45 8.49
N LEU B 121 -8.17 -28.03 7.75
CA LEU B 121 -9.01 -26.96 8.27
C LEU B 121 -9.72 -27.33 9.55
N ARG B 122 -9.64 -28.58 9.99
CA ARG B 122 -10.18 -28.92 11.30
C ARG B 122 -9.53 -28.12 12.41
N VAL B 123 -8.36 -27.52 12.15
CA VAL B 123 -7.75 -26.68 13.18
C VAL B 123 -8.47 -25.35 13.30
N LEU B 124 -9.02 -24.82 12.21
CA LEU B 124 -9.57 -23.48 12.33
C LEU B 124 -10.86 -23.46 13.12
N ARG B 125 -11.46 -24.61 13.41
CA ARG B 125 -12.57 -24.58 14.34
C ARG B 125 -12.17 -24.02 15.68
N ALA B 126 -10.87 -23.78 15.88
CA ALA B 126 -10.42 -23.03 17.04
C ALA B 126 -11.21 -21.75 17.21
N ILE B 127 -11.41 -21.00 16.11
CA ILE B 127 -12.10 -19.71 16.24
C ILE B 127 -13.53 -19.90 16.68
N SER B 128 -14.04 -21.12 16.66
CA SER B 128 -15.37 -21.35 17.20
C SER B 128 -15.35 -21.47 18.71
N VAL B 129 -14.34 -22.14 19.26
CA VAL B 129 -14.42 -22.56 20.65
C VAL B 129 -14.04 -21.43 21.60
N VAL B 130 -12.96 -20.71 21.32
CA VAL B 130 -12.52 -19.64 22.21
C VAL B 130 -13.43 -18.42 22.00
N PRO B 131 -14.13 -17.97 23.03
CA PRO B 131 -15.24 -17.04 22.80
C PRO B 131 -14.80 -15.70 22.24
N SER B 132 -13.61 -15.22 22.60
CA SER B 132 -13.16 -13.93 22.10
C SER B 132 -13.04 -13.96 20.59
N LEU B 133 -12.41 -15.01 20.05
CA LEU B 133 -12.29 -15.13 18.61
C LEU B 133 -13.65 -15.26 17.96
N ARG B 134 -14.56 -16.00 18.58
CA ARG B 134 -15.90 -16.13 18.02
C ARG B 134 -16.56 -14.75 17.90
N ARG B 135 -16.51 -13.97 18.97
CA ARG B 135 -17.12 -12.65 18.94
C ARG B 135 -16.47 -11.78 17.89
N LEU B 136 -15.14 -11.83 17.80
CA LEU B 136 -14.43 -10.98 16.84
C LEU B 136 -14.81 -11.35 15.40
N VAL B 137 -14.84 -12.64 15.09
CA VAL B 137 -15.12 -13.07 13.74
C VAL B 137 -16.56 -12.74 13.36
N ASP B 138 -17.49 -12.97 14.29
CA ASP B 138 -18.86 -12.58 14.02
C ASP B 138 -18.96 -11.08 13.76
N ALA B 139 -18.25 -10.27 14.54
CA ALA B 139 -18.26 -8.83 14.31
C ALA B 139 -17.73 -8.51 12.93
N LEU B 140 -16.60 -9.11 12.56
CA LEU B 140 -16.01 -8.87 11.25
C LEU B 140 -16.99 -9.20 10.14
N VAL B 141 -17.71 -10.31 10.27
CA VAL B 141 -18.68 -10.65 9.24
C VAL B 141 -19.83 -9.65 9.23
N MET B 142 -20.22 -9.16 10.41
CA MET B 142 -21.33 -8.24 10.47
C MET B 142 -21.07 -6.93 9.73
N THR B 143 -19.83 -6.68 9.30
CA THR B 143 -19.53 -5.51 8.49
C THR B 143 -19.42 -5.84 7.02
N ILE B 144 -19.81 -7.04 6.60
CA ILE B 144 -19.87 -7.36 5.19
C ILE B 144 -21.10 -6.74 4.55
N PRO B 145 -22.31 -6.87 5.12
CA PRO B 145 -23.47 -6.18 4.52
C PRO B 145 -23.35 -4.68 4.58
N ALA B 146 -22.45 -4.14 5.40
CA ALA B 146 -22.18 -2.71 5.36
C ALA B 146 -21.61 -2.32 4.01
N LEU B 147 -20.45 -2.86 3.65
CA LEU B 147 -19.86 -2.63 2.34
C LEU B 147 -20.44 -3.60 1.32
N GLY B 148 -21.75 -3.48 1.12
CA GLY B 148 -22.41 -4.35 0.17
C GLY B 148 -22.33 -3.81 -1.24
N ASN B 149 -22.84 -2.60 -1.44
CA ASN B 149 -22.97 -2.05 -2.79
C ASN B 149 -21.59 -1.87 -3.42
N ILE B 150 -20.65 -1.30 -2.67
CA ILE B 150 -19.33 -1.01 -3.21
C ILE B 150 -18.74 -2.24 -3.87
N LEU B 151 -18.98 -3.42 -3.30
CA LEU B 151 -18.47 -4.63 -3.93
C LEU B 151 -19.18 -4.89 -5.25
N ILE B 152 -20.47 -4.58 -5.34
CA ILE B 152 -21.16 -4.73 -6.61
C ILE B 152 -20.57 -3.81 -7.65
N LEU B 153 -20.30 -2.57 -7.25
CA LEU B 153 -19.67 -1.62 -8.15
C LEU B 153 -18.32 -2.11 -8.61
N MET B 154 -17.53 -2.65 -7.69
CA MET B 154 -16.21 -3.15 -8.05
C MET B 154 -16.30 -4.34 -8.98
N SER B 155 -17.28 -5.20 -8.77
CA SER B 155 -17.47 -6.33 -9.66
C SER B 155 -17.82 -5.86 -11.06
N ILE B 156 -18.76 -4.92 -11.17
CA ILE B 156 -19.09 -4.33 -12.47
C ILE B 156 -17.84 -3.81 -13.14
N PHE B 157 -17.04 -3.07 -12.38
CA PHE B 157 -15.84 -2.46 -12.92
C PHE B 157 -14.89 -3.52 -13.47
N PHE B 158 -14.61 -4.53 -12.65
CA PHE B 158 -13.70 -5.60 -13.06
C PHE B 158 -14.20 -6.25 -14.33
N TYR B 159 -15.49 -6.58 -14.38
CA TYR B 159 -16.01 -7.29 -15.54
C TYR B 159 -15.89 -6.45 -16.80
N ILE B 160 -16.27 -5.17 -16.70
CA ILE B 160 -16.18 -4.29 -17.85
C ILE B 160 -14.75 -4.25 -18.36
N PHE B 161 -13.80 -4.02 -17.47
CA PHE B 161 -12.43 -3.84 -17.94
C PHE B 161 -11.87 -5.14 -18.49
N ALA B 162 -12.26 -6.28 -17.91
CA ALA B 162 -11.80 -7.55 -18.44
C ALA B 162 -12.30 -7.75 -19.86
N VAL B 163 -13.59 -7.50 -20.08
CA VAL B 163 -14.14 -7.64 -21.41
C VAL B 163 -13.42 -6.71 -22.38
N ILE B 164 -13.18 -5.48 -21.95
CA ILE B 164 -12.57 -4.52 -22.86
C ILE B 164 -11.15 -4.94 -23.19
N GLY B 165 -10.43 -5.49 -22.22
CA GLY B 165 -9.06 -5.88 -22.48
C GLY B 165 -8.97 -7.07 -23.42
N THR B 166 -9.77 -8.10 -23.16
CA THR B 166 -9.56 -9.35 -23.87
C THR B 166 -9.77 -9.23 -25.36
N MET B 167 -10.49 -8.20 -25.83
CA MET B 167 -10.68 -8.04 -27.25
C MET B 167 -9.61 -7.16 -27.88
N LEU B 168 -9.00 -6.28 -27.10
CA LEU B 168 -7.95 -5.42 -27.62
C LEU B 168 -6.64 -6.16 -27.75
N PHE B 169 -6.17 -6.74 -26.65
CA PHE B 169 -4.82 -7.28 -26.57
C PHE B 169 -4.79 -8.79 -26.73
N GLN B 170 -5.79 -9.37 -27.38
CA GLN B 170 -5.89 -10.81 -27.45
C GLN B 170 -4.77 -11.41 -28.28
N HIS B 171 -4.36 -10.73 -29.35
CA HIS B 171 -3.40 -11.30 -30.28
C HIS B 171 -2.03 -10.65 -30.18
N VAL B 172 -1.78 -9.87 -29.14
CA VAL B 172 -0.47 -9.25 -28.97
C VAL B 172 0.15 -9.77 -27.69
N SER B 173 -0.67 -10.17 -26.74
CA SER B 173 -0.21 -10.76 -25.48
C SER B 173 -1.11 -11.92 -25.13
N PRO B 174 -0.91 -13.07 -25.77
CA PRO B 174 -1.73 -14.25 -25.42
C PRO B 174 -1.56 -14.68 -24.00
N GLU B 175 -0.42 -14.36 -23.39
CA GLU B 175 -0.14 -14.81 -22.03
C GLU B 175 -1.14 -14.25 -21.04
N TYR B 176 -1.20 -12.92 -20.92
CA TYR B 176 -2.02 -12.31 -19.88
C TYR B 176 -3.45 -12.16 -20.32
N PHE B 177 -3.67 -11.68 -21.54
CA PHE B 177 -5.01 -11.45 -22.06
C PHE B 177 -5.30 -12.51 -23.11
N GLY B 178 -5.82 -13.65 -22.67
CA GLY B 178 -6.13 -14.70 -23.61
C GLY B 178 -7.59 -15.06 -23.62
N ASN B 179 -8.25 -14.94 -22.49
CA ASN B 179 -9.66 -15.28 -22.37
C ASN B 179 -10.31 -14.31 -21.41
N LEU B 180 -11.62 -14.43 -21.27
CA LEU B 180 -12.28 -13.65 -20.24
C LEU B 180 -11.94 -14.17 -18.85
N GLN B 181 -11.51 -15.43 -18.74
CA GLN B 181 -11.08 -15.96 -17.46
C GLN B 181 -9.66 -15.52 -17.15
N LEU B 182 -8.72 -15.88 -18.02
CA LEU B 182 -7.32 -15.57 -17.78
C LEU B 182 -7.11 -14.07 -17.62
N SER B 183 -7.75 -13.27 -18.45
CA SER B 183 -7.61 -11.83 -18.31
C SER B 183 -8.20 -11.32 -17.02
N LEU B 184 -9.17 -12.02 -16.46
CA LEU B 184 -9.69 -11.60 -15.17
C LEU B 184 -8.70 -11.82 -14.06
N LEU B 185 -7.55 -12.42 -14.38
CA LEU B 185 -6.43 -12.53 -13.45
C LEU B 185 -5.51 -11.34 -13.60
N THR B 186 -5.01 -11.11 -14.81
CA THR B 186 -4.17 -9.96 -15.07
C THR B 186 -4.83 -8.68 -14.59
N LEU B 187 -6.14 -8.62 -14.63
CA LEU B 187 -6.82 -7.47 -14.06
C LEU B 187 -6.87 -7.50 -12.56
N PHE B 188 -6.48 -8.61 -11.93
CA PHE B 188 -6.44 -8.64 -10.48
C PHE B 188 -5.04 -8.33 -9.97
N GLN B 189 -4.03 -8.92 -10.55
CA GLN B 189 -2.68 -8.60 -10.14
C GLN B 189 -2.22 -7.27 -10.66
N VAL B 190 -3.12 -6.45 -11.18
CA VAL B 190 -2.85 -5.07 -11.50
C VAL B 190 -3.53 -4.13 -10.51
N VAL B 191 -4.75 -4.46 -10.07
CA VAL B 191 -5.41 -3.63 -9.08
C VAL B 191 -4.65 -3.64 -7.78
N THR B 192 -3.86 -4.67 -7.51
CA THR B 192 -3.00 -4.68 -6.35
C THR B 192 -1.65 -4.04 -6.62
N LEU B 193 -1.51 -3.38 -7.76
CA LEU B 193 -0.29 -2.64 -8.10
C LEU B 193 0.93 -3.55 -8.07
N GLU B 194 0.77 -4.77 -8.53
CA GLU B 194 1.85 -5.75 -8.49
C GLU B 194 2.45 -5.90 -9.88
N SER B 195 3.60 -5.27 -10.10
CA SER B 195 4.32 -5.37 -11.36
C SER B 195 3.42 -5.02 -12.54
N TRP B 196 2.51 -4.07 -12.31
CA TRP B 196 1.59 -3.72 -13.37
C TRP B 196 2.26 -2.93 -14.47
N ALA B 197 3.41 -2.31 -14.21
CA ALA B 197 4.07 -1.56 -15.25
C ALA B 197 5.11 -2.39 -15.98
N SER B 198 6.11 -2.86 -15.26
CA SER B 198 7.24 -3.52 -15.90
C SER B 198 7.00 -5.02 -15.89
N GLY B 199 6.17 -5.47 -16.82
CA GLY B 199 5.88 -6.89 -16.93
C GLY B 199 4.45 -7.17 -17.31
N VAL B 200 3.61 -6.13 -17.32
CA VAL B 200 2.24 -6.30 -17.77
C VAL B 200 1.95 -5.29 -18.86
N MET B 201 2.63 -4.15 -18.81
CA MET B 201 2.27 -3.04 -19.68
C MET B 201 3.38 -2.67 -20.64
N ARG B 202 4.58 -2.41 -20.13
CA ARG B 202 5.68 -2.04 -21.01
C ARG B 202 5.89 -3.02 -22.17
N PRO B 203 5.75 -4.34 -22.01
CA PRO B 203 5.85 -5.21 -23.18
C PRO B 203 4.64 -5.18 -24.08
N ILE B 204 3.52 -4.65 -23.62
CA ILE B 204 2.34 -4.47 -24.46
C ILE B 204 2.33 -3.07 -25.05
N PHE B 205 2.53 -2.06 -24.20
CA PHE B 205 2.61 -0.67 -24.63
C PHE B 205 3.63 -0.48 -25.73
N ALA B 206 4.58 -1.40 -25.88
CA ALA B 206 5.53 -1.30 -26.97
C ALA B 206 4.86 -1.54 -28.32
N GLU B 207 3.96 -2.51 -28.40
CA GLU B 207 3.35 -2.85 -29.67
C GLU B 207 2.18 -1.93 -29.99
N VAL B 208 1.14 -1.98 -29.16
CA VAL B 208 0.01 -1.08 -29.34
C VAL B 208 0.28 0.16 -28.50
N PRO B 209 0.72 1.26 -29.13
CA PRO B 209 1.23 2.38 -28.34
C PRO B 209 0.15 3.09 -27.55
N TRP B 210 -1.07 3.10 -28.04
CA TRP B 210 -2.13 3.76 -27.31
C TRP B 210 -2.67 2.93 -26.17
N SER B 211 -1.97 1.85 -25.81
CA SER B 211 -2.51 0.95 -24.80
C SER B 211 -2.51 1.58 -23.42
N TRP B 212 -1.63 2.55 -23.18
CA TRP B 212 -1.49 3.09 -21.84
C TRP B 212 -2.82 3.58 -21.29
N LEU B 213 -3.64 4.20 -22.13
CA LEU B 213 -4.91 4.75 -21.67
C LEU B 213 -5.75 3.72 -20.96
N TYR B 214 -5.51 2.44 -21.26
CA TYR B 214 -6.15 1.38 -20.51
C TYR B 214 -5.74 1.42 -19.05
N PHE B 215 -4.47 1.11 -18.79
CA PHE B 215 -4.05 0.90 -17.41
C PHE B 215 -4.14 2.18 -16.61
N VAL B 216 -3.59 3.27 -17.14
CA VAL B 216 -3.65 4.54 -16.43
C VAL B 216 -5.08 4.94 -16.12
N SER B 217 -6.05 4.42 -16.84
CA SER B 217 -7.43 4.62 -16.42
C SER B 217 -7.78 3.68 -15.29
N PHE B 218 -7.63 2.38 -15.53
CA PHE B 218 -8.02 1.38 -14.54
C PHE B 218 -7.34 1.63 -13.22
N VAL B 219 -6.02 1.55 -13.21
CA VAL B 219 -5.23 1.78 -12.00
C VAL B 219 -5.71 3.03 -11.29
N LEU B 220 -6.10 4.04 -12.05
CA LEU B 220 -6.68 5.21 -11.41
C LEU B 220 -7.99 4.87 -10.73
N ILE B 221 -9.01 4.57 -11.54
CA ILE B 221 -10.35 4.51 -11.00
C ILE B 221 -10.48 3.40 -9.97
N GLY B 222 -9.97 2.22 -10.31
CA GLY B 222 -9.93 1.15 -9.31
C GLY B 222 -9.43 1.66 -7.98
N THR B 223 -8.22 2.23 -7.98
CA THR B 223 -7.67 2.73 -6.73
C THR B 223 -8.66 3.64 -6.03
N PHE B 224 -9.20 4.62 -6.75
CA PHE B 224 -10.16 5.52 -6.16
C PHE B 224 -11.24 4.76 -5.43
N ILE B 225 -11.92 3.86 -6.15
CA ILE B 225 -13.00 3.09 -5.52
C ILE B 225 -12.50 2.47 -4.24
N ILE B 226 -11.37 1.75 -4.32
CA ILE B 226 -10.86 1.07 -3.14
C ILE B 226 -10.68 2.05 -2.00
N PHE B 227 -9.99 3.16 -2.27
CA PHE B 227 -9.82 4.17 -1.23
C PHE B 227 -11.16 4.47 -0.58
N ASN B 228 -12.15 4.84 -1.40
CA ASN B 228 -13.44 5.20 -0.86
C ASN B 228 -14.04 4.05 -0.06
N LEU B 229 -13.97 2.83 -0.58
CA LEU B 229 -14.47 1.69 0.16
C LEU B 229 -13.89 1.68 1.57
N PHE B 230 -12.57 1.81 1.66
CA PHE B 230 -11.92 1.84 2.96
C PHE B 230 -12.55 2.91 3.84
N ILE B 231 -12.63 4.13 3.33
CA ILE B 231 -13.20 5.22 4.11
C ILE B 231 -14.64 4.91 4.46
N GLY B 232 -15.38 4.31 3.53
CA GLY B 232 -16.77 3.99 3.80
C GLY B 232 -16.93 3.12 5.03
N VAL B 233 -15.91 2.38 5.39
CA VAL B 233 -15.98 1.57 6.61
C VAL B 233 -15.54 2.39 7.81
N ILE B 234 -14.48 3.19 7.65
CA ILE B 234 -13.93 3.93 8.78
C ILE B 234 -15.02 4.79 9.41
N VAL B 235 -15.54 5.75 8.66
CA VAL B 235 -16.62 6.53 9.22
C VAL B 235 -17.87 5.72 8.95
N ASN B 236 -17.92 4.56 9.61
CA ASN B 236 -19.10 3.79 9.94
C ASN B 236 -18.96 3.22 11.32
N ASN B 237 -17.73 3.08 11.84
CA ASN B 237 -17.51 2.62 13.19
C ASN B 237 -17.38 3.78 14.17
N VAL B 238 -16.99 4.96 13.67
CA VAL B 238 -17.13 6.17 14.49
C VAL B 238 -18.60 6.40 14.81
N GLU B 239 -19.49 5.97 13.92
CA GLU B 239 -20.92 6.14 14.14
C GLU B 239 -21.51 4.94 14.86
N LYS B 240 -21.08 3.74 14.51
CA LYS B 240 -21.50 2.55 15.25
C LYS B 240 -20.32 1.66 15.59
N LYS C 15 -54.96 12.88 -22.80
CA LYS C 15 -53.94 13.08 -23.83
C LYS C 15 -52.55 13.08 -23.20
N MET C 16 -52.46 13.55 -21.97
CA MET C 16 -51.21 13.52 -21.25
C MET C 16 -50.93 12.11 -20.75
N GLN C 17 -49.64 11.78 -20.65
CA GLN C 17 -49.22 10.47 -20.17
C GLN C 17 -49.00 10.58 -18.67
N LYS C 18 -49.95 10.07 -17.89
CA LYS C 18 -49.96 10.31 -16.46
C LYS C 18 -49.21 9.24 -15.68
N ILE C 19 -49.67 7.99 -15.75
CA ILE C 19 -49.06 6.90 -14.99
C ILE C 19 -48.27 6.03 -15.96
N VAL C 20 -47.01 5.79 -15.62
CA VAL C 20 -46.16 4.97 -16.48
C VAL C 20 -45.34 3.97 -15.67
N ASN C 21 -45.30 4.15 -14.35
CA ASN C 21 -44.39 3.40 -13.51
C ASN C 21 -45.12 2.26 -12.80
N HIS C 22 -44.36 1.20 -12.51
CA HIS C 22 -44.84 0.06 -11.74
C HIS C 22 -43.64 -0.70 -11.18
N ARG C 23 -43.90 -1.87 -10.60
CA ARG C 23 -42.86 -2.60 -9.87
C ARG C 23 -41.73 -3.02 -10.80
N ALA C 24 -42.02 -3.88 -11.76
CA ALA C 24 -41.00 -4.43 -12.65
C ALA C 24 -40.52 -3.42 -13.69
N PHE C 25 -41.11 -2.22 -13.69
CA PHE C 25 -40.72 -1.15 -14.62
C PHE C 25 -39.22 -1.03 -14.75
N THR C 26 -38.49 -1.29 -13.67
CA THR C 26 -37.04 -1.37 -13.69
C THR C 26 -36.53 -2.81 -13.73
N PHE C 27 -37.13 -3.69 -12.92
CA PHE C 27 -36.66 -5.06 -12.77
C PHE C 27 -36.40 -5.71 -14.13
N THR C 28 -37.33 -5.56 -15.06
CA THR C 28 -37.11 -6.16 -16.38
C THR C 28 -35.90 -5.56 -17.07
N VAL C 29 -35.70 -4.26 -16.91
CA VAL C 29 -34.59 -3.60 -17.57
C VAL C 29 -33.26 -4.10 -17.02
N ILE C 30 -33.16 -4.20 -15.70
CA ILE C 30 -31.88 -4.62 -15.12
C ILE C 30 -31.61 -6.08 -15.46
N ALA C 31 -32.66 -6.91 -15.48
CA ALA C 31 -32.46 -8.30 -15.91
C ALA C 31 -31.95 -8.34 -17.35
N LEU C 32 -32.56 -7.55 -18.22
CA LEU C 32 -32.14 -7.53 -19.60
C LEU C 32 -30.69 -7.08 -19.72
N ILE C 33 -30.30 -6.08 -18.93
CA ILE C 33 -28.93 -5.59 -18.95
C ILE C 33 -27.97 -6.70 -18.52
N LEU C 34 -28.37 -7.46 -17.51
CA LEU C 34 -27.54 -8.59 -17.09
C LEU C 34 -27.34 -9.57 -18.24
N PHE C 35 -28.42 -9.89 -18.95
CA PHE C 35 -28.28 -10.79 -20.09
C PHE C 35 -27.39 -10.18 -21.16
N ASN C 36 -27.49 -8.86 -21.33
CA ASN C 36 -26.62 -8.17 -22.29
C ASN C 36 -25.18 -8.36 -21.91
N ALA C 37 -24.86 -8.19 -20.64
CA ALA C 37 -23.50 -8.42 -20.18
C ALA C 37 -23.06 -9.84 -20.48
N LEU C 38 -23.93 -10.80 -20.19
CA LEU C 38 -23.58 -12.20 -20.40
C LEU C 38 -23.23 -12.45 -21.87
N ILE C 39 -24.04 -11.95 -22.79
CA ILE C 39 -23.81 -12.25 -24.19
C ILE C 39 -22.58 -11.50 -24.70
N VAL C 40 -22.42 -10.23 -24.29
CA VAL C 40 -21.27 -9.48 -24.75
C VAL C 40 -19.99 -10.05 -24.18
N GLY C 41 -20.07 -10.77 -23.08
CA GLY C 41 -18.91 -11.44 -22.57
C GLY C 41 -18.61 -12.69 -23.36
N ILE C 42 -19.63 -13.53 -23.54
CA ILE C 42 -19.45 -14.76 -24.31
C ILE C 42 -18.83 -14.45 -25.65
N GLU C 43 -19.31 -13.41 -26.31
CA GLU C 43 -18.91 -13.17 -27.70
C GLU C 43 -17.41 -12.96 -27.84
N THR C 44 -16.67 -12.81 -26.75
CA THR C 44 -15.24 -12.57 -26.83
C THR C 44 -14.41 -13.82 -27.03
N TYR C 45 -15.04 -14.96 -27.28
CA TYR C 45 -14.31 -16.18 -27.58
C TYR C 45 -14.23 -16.35 -29.08
N PRO C 46 -13.07 -16.65 -29.64
CA PRO C 46 -12.94 -16.63 -31.10
C PRO C 46 -13.76 -17.71 -31.79
N ARG C 47 -13.61 -18.96 -31.36
CA ARG C 47 -14.30 -20.05 -32.03
C ARG C 47 -15.82 -19.93 -31.87
N ILE C 48 -16.29 -19.83 -30.63
CA ILE C 48 -17.72 -19.86 -30.36
C ILE C 48 -18.42 -18.72 -31.09
N TYR C 49 -17.83 -17.52 -31.04
CA TYR C 49 -18.40 -16.40 -31.77
C TYR C 49 -18.34 -16.64 -33.27
N ALA C 50 -17.24 -17.20 -33.76
CA ALA C 50 -17.10 -17.38 -35.20
C ALA C 50 -18.01 -18.46 -35.74
N ASP C 51 -18.60 -19.29 -34.88
CA ASP C 51 -19.47 -20.35 -35.35
C ASP C 51 -20.95 -19.98 -35.36
N HIS C 52 -21.37 -19.05 -34.51
CA HIS C 52 -22.76 -18.59 -34.50
C HIS C 52 -22.73 -17.07 -34.55
N LYS C 53 -22.60 -16.52 -35.75
CA LYS C 53 -22.50 -15.08 -35.84
C LYS C 53 -23.84 -14.42 -36.13
N TRP C 54 -24.68 -15.09 -36.93
CA TRP C 54 -25.99 -14.53 -37.26
C TRP C 54 -26.81 -14.30 -36.00
N LEU C 55 -26.80 -15.25 -35.09
CA LEU C 55 -27.58 -15.11 -33.86
C LEU C 55 -27.08 -13.96 -33.04
N PHE C 56 -25.76 -13.85 -32.88
CA PHE C 56 -25.20 -12.75 -32.11
C PHE C 56 -25.56 -11.42 -32.75
N TYR C 57 -25.47 -11.34 -34.07
CA TYR C 57 -25.88 -10.14 -34.79
C TYR C 57 -27.31 -9.77 -34.42
N ARG C 58 -28.24 -10.71 -34.61
CA ARG C 58 -29.65 -10.38 -34.44
C ARG C 58 -29.95 -10.00 -32.99
N ILE C 59 -29.33 -10.69 -32.03
CA ILE C 59 -29.64 -10.36 -30.65
C ILE C 59 -29.03 -9.02 -30.28
N ASP C 60 -27.85 -8.70 -30.79
CA ASP C 60 -27.30 -7.39 -30.51
C ASP C 60 -28.24 -6.31 -31.03
N LEU C 61 -28.72 -6.49 -32.26
CA LEU C 61 -29.65 -5.52 -32.83
C LEU C 61 -30.88 -5.37 -31.96
N VAL C 62 -31.49 -6.49 -31.55
CA VAL C 62 -32.75 -6.38 -30.83
C VAL C 62 -32.52 -5.75 -29.46
N LEU C 63 -31.43 -6.09 -28.77
CA LEU C 63 -31.15 -5.46 -27.48
C LEU C 63 -30.94 -3.96 -27.64
N LEU C 64 -30.21 -3.57 -28.67
CA LEU C 64 -30.06 -2.15 -28.96
C LEU C 64 -31.43 -1.49 -29.06
N TRP C 65 -32.33 -2.11 -29.83
CA TRP C 65 -33.63 -1.49 -30.02
C TRP C 65 -34.45 -1.48 -28.73
N ILE C 66 -34.28 -2.48 -27.88
CA ILE C 66 -35.00 -2.47 -26.60
C ILE C 66 -34.55 -1.29 -25.76
N PHE C 67 -33.23 -1.11 -25.62
CA PHE C 67 -32.75 0.03 -24.85
C PHE C 67 -33.26 1.33 -25.45
N THR C 68 -33.23 1.41 -26.78
CA THR C 68 -33.69 2.62 -27.47
C THR C 68 -35.12 2.93 -27.09
N ILE C 69 -36.03 1.99 -27.32
CA ILE C 69 -37.43 2.24 -27.06
C ILE C 69 -37.67 2.47 -25.58
N GLU C 70 -36.83 1.89 -24.72
CA GLU C 70 -36.96 2.09 -23.29
C GLU C 70 -36.71 3.54 -22.92
N ILE C 71 -35.51 4.03 -23.26
CA ILE C 71 -35.18 5.40 -22.90
C ILE C 71 -36.11 6.38 -23.59
N ALA C 72 -36.57 6.05 -24.79
CA ALA C 72 -37.51 6.93 -25.47
C ALA C 72 -38.85 6.95 -24.74
N MET C 73 -39.29 5.80 -24.23
CA MET C 73 -40.50 5.74 -23.44
C MET C 73 -40.39 6.65 -22.23
N ARG C 74 -39.27 6.54 -21.52
CA ARG C 74 -39.08 7.41 -20.37
C ARG C 74 -39.11 8.88 -20.78
N PHE C 75 -38.41 9.20 -21.87
CA PHE C 75 -38.36 10.59 -22.33
C PHE C 75 -39.77 11.12 -22.58
N LEU C 76 -40.52 10.45 -23.45
CA LEU C 76 -41.86 10.94 -23.77
C LEU C 76 -42.72 11.00 -22.52
N ALA C 77 -42.65 9.99 -21.67
CA ALA C 77 -43.40 10.05 -20.42
C ALA C 77 -42.52 10.60 -19.29
N SER C 78 -41.84 11.70 -19.55
CA SER C 78 -41.09 12.37 -18.51
C SER C 78 -41.40 13.86 -18.41
N ASN C 79 -42.60 14.28 -18.84
CA ASN C 79 -42.99 15.69 -18.84
C ASN C 79 -41.94 16.52 -19.56
N PRO C 80 -41.87 16.41 -20.91
CA PRO C 80 -40.73 16.95 -21.67
C PRO C 80 -40.32 18.36 -21.31
N LYS C 81 -41.26 19.30 -21.39
CA LYS C 81 -40.93 20.71 -21.19
C LYS C 81 -40.32 20.96 -19.81
N SER C 82 -40.75 20.22 -18.80
CA SER C 82 -40.15 20.34 -17.48
C SER C 82 -38.86 19.54 -17.43
N ALA C 83 -38.31 19.37 -16.23
CA ALA C 83 -36.94 18.91 -16.07
C ALA C 83 -36.85 17.41 -16.29
N PHE C 84 -36.53 17.01 -17.52
CA PHE C 84 -36.03 15.66 -17.77
C PHE C 84 -34.59 15.70 -18.25
N PHE C 85 -34.33 16.39 -19.36
CA PHE C 85 -32.97 16.60 -19.83
C PHE C 85 -32.20 17.51 -18.90
N ARG C 86 -32.87 18.09 -17.90
CA ARG C 86 -32.19 18.93 -16.93
C ARG C 86 -31.40 18.11 -15.92
N SER C 87 -31.84 16.88 -15.62
CA SER C 87 -31.16 16.02 -14.68
C SER C 87 -30.07 15.21 -15.37
N SER C 88 -28.90 15.15 -14.73
CA SER C 88 -27.69 14.68 -15.40
C SER C 88 -27.72 13.18 -15.67
N TRP C 89 -28.33 12.41 -14.77
CA TRP C 89 -28.37 10.96 -14.94
C TRP C 89 -28.95 10.57 -16.29
N ASN C 90 -30.08 11.18 -16.64
CA ASN C 90 -30.70 10.85 -17.92
C ASN C 90 -29.84 11.29 -19.08
N TRP C 91 -29.10 12.38 -18.91
CA TRP C 91 -28.12 12.75 -19.92
C TRP C 91 -27.11 11.62 -20.10
N PHE C 92 -26.68 11.01 -19.00
CA PHE C 92 -25.70 9.93 -19.08
C PHE C 92 -26.28 8.72 -19.79
N ASP C 93 -27.51 8.36 -19.43
CA ASP C 93 -28.20 7.26 -20.12
C ASP C 93 -28.27 7.53 -21.61
N PHE C 94 -28.73 8.73 -21.98
CA PHE C 94 -28.87 9.10 -23.38
C PHE C 94 -27.54 9.01 -24.09
N LEU C 95 -26.47 9.53 -23.46
CA LEU C 95 -25.15 9.42 -24.05
C LEU C 95 -24.79 7.98 -24.33
N ILE C 96 -25.05 7.09 -23.37
CA ILE C 96 -24.68 5.68 -23.56
C ILE C 96 -25.43 5.10 -24.75
N VAL C 97 -26.72 5.39 -24.84
CA VAL C 97 -27.49 4.83 -25.94
C VAL C 97 -27.00 5.38 -27.27
N THR C 98 -26.69 6.68 -27.31
CA THR C 98 -26.16 7.27 -28.52
C THR C 98 -24.82 6.65 -28.90
N LEU C 99 -24.02 6.29 -27.92
CA LEU C 99 -22.74 5.69 -28.24
C LEU C 99 -22.92 4.31 -28.84
N SER C 100 -23.86 3.52 -28.29
CA SER C 100 -24.19 2.26 -28.91
C SER C 100 -24.68 2.47 -30.34
N LEU C 101 -25.47 3.53 -30.55
CA LEU C 101 -25.95 3.80 -31.90
C LEU C 101 -24.82 4.19 -32.83
N VAL C 102 -23.88 5.01 -32.35
CA VAL C 102 -22.69 5.34 -33.13
C VAL C 102 -22.00 4.08 -33.57
N GLU C 103 -21.83 3.15 -32.63
CA GLU C 103 -21.30 1.83 -32.97
C GLU C 103 -22.09 1.23 -34.12
N LEU C 104 -23.41 1.15 -34.00
CA LEU C 104 -24.20 0.46 -35.01
C LEU C 104 -24.09 1.12 -36.38
N PHE C 105 -24.58 2.37 -36.48
CA PHE C 105 -24.68 3.02 -37.78
C PHE C 105 -23.33 3.36 -38.40
N LEU C 106 -22.26 3.27 -37.64
CA LEU C 106 -20.91 3.45 -38.14
C LEU C 106 -20.11 2.17 -37.88
N ALA C 107 -20.72 1.04 -38.23
CA ALA C 107 -20.30 -0.25 -37.71
C ALA C 107 -18.84 -0.60 -38.00
N ASP C 108 -18.51 -0.82 -39.26
CA ASP C 108 -17.24 -1.45 -39.59
C ASP C 108 -16.61 -0.81 -40.81
N VAL C 109 -16.54 0.52 -40.85
CA VAL C 109 -15.92 1.15 -42.01
C VAL C 109 -14.46 0.71 -42.08
N GLU C 110 -13.61 1.22 -41.19
CA GLU C 110 -12.38 0.52 -40.86
C GLU C 110 -12.06 0.63 -39.38
N GLY C 111 -12.27 1.82 -38.81
CA GLY C 111 -11.79 2.13 -37.49
C GLY C 111 -12.63 1.48 -36.42
N LEU C 112 -12.70 0.15 -36.45
CA LEU C 112 -13.58 -0.60 -35.58
C LEU C 112 -12.93 -0.99 -34.27
N SER C 113 -11.60 -1.06 -34.23
CA SER C 113 -10.90 -1.53 -33.04
C SER C 113 -11.36 -0.78 -31.80
N VAL C 114 -11.43 0.55 -31.89
CA VAL C 114 -11.82 1.35 -30.75
C VAL C 114 -13.30 1.66 -30.89
N LEU C 115 -13.98 0.87 -31.71
CA LEU C 115 -15.42 1.02 -31.84
C LEU C 115 -16.21 -0.13 -31.23
N ARG C 116 -15.75 -1.37 -31.41
CA ARG C 116 -16.39 -2.49 -30.75
C ARG C 116 -16.44 -2.30 -29.25
N ILE C 117 -15.48 -1.55 -28.69
CA ILE C 117 -15.43 -1.34 -27.25
C ILE C 117 -16.73 -0.76 -26.75
N LEU C 118 -17.25 0.27 -27.42
CA LEU C 118 -18.47 0.89 -26.94
C LEU C 118 -19.62 -0.08 -26.89
N ARG C 119 -19.53 -1.19 -27.62
CA ARG C 119 -20.53 -2.24 -27.50
C ARG C 119 -20.59 -2.81 -26.09
N VAL C 120 -19.69 -2.40 -25.21
CA VAL C 120 -19.58 -2.97 -23.88
C VAL C 120 -20.19 -2.07 -22.82
N LEU C 121 -19.80 -0.80 -22.80
CA LEU C 121 -20.18 0.03 -21.67
C LEU C 121 -21.67 0.19 -21.52
N ARG C 122 -22.46 -0.28 -22.47
CA ARG C 122 -23.90 -0.27 -22.28
C ARG C 122 -24.31 -1.08 -21.05
N VAL C 123 -23.44 -1.93 -20.53
CA VAL C 123 -23.78 -2.66 -19.32
C VAL C 123 -23.68 -1.76 -18.10
N LEU C 124 -22.76 -0.78 -18.10
CA LEU C 124 -22.59 -0.03 -16.87
C LEU C 124 -23.75 0.90 -16.60
N ARG C 125 -24.63 1.13 -17.56
CA ARG C 125 -25.84 1.85 -17.23
C ARG C 125 -26.63 1.15 -16.14
N ALA C 126 -26.23 -0.06 -15.76
CA ALA C 126 -26.76 -0.69 -14.56
C ALA C 126 -26.74 0.27 -13.38
N ILE C 127 -25.62 0.96 -13.17
CA ILE C 127 -25.52 1.81 -12.00
C ILE C 127 -26.52 2.96 -12.06
N SER C 128 -27.13 3.18 -13.21
CA SER C 128 -28.18 4.19 -13.28
C SER C 128 -29.50 3.65 -12.76
N VAL C 129 -29.82 2.39 -13.09
CA VAL C 129 -31.19 1.93 -12.90
C VAL C 129 -31.45 1.53 -11.46
N VAL C 130 -30.54 0.76 -10.85
CA VAL C 130 -30.75 0.29 -9.49
C VAL C 130 -30.47 1.44 -8.53
N PRO C 131 -31.46 1.86 -7.73
CA PRO C 131 -31.35 3.15 -7.05
C PRO C 131 -30.22 3.20 -6.04
N SER C 132 -29.91 2.09 -5.38
CA SER C 132 -28.85 2.11 -4.38
C SER C 132 -27.51 2.47 -5.03
N LEU C 133 -27.21 1.85 -6.16
CA LEU C 133 -25.96 2.18 -6.86
C LEU C 133 -25.98 3.62 -7.32
N ARG C 134 -27.12 4.10 -7.80
CA ARG C 134 -27.20 5.50 -8.23
C ARG C 134 -26.85 6.43 -7.07
N ARG C 135 -27.46 6.21 -5.91
CA ARG C 135 -27.19 7.06 -4.77
C ARG C 135 -25.74 6.97 -4.36
N LEU C 136 -25.17 5.76 -4.36
CA LEU C 136 -23.78 5.59 -3.95
C LEU C 136 -22.84 6.32 -4.89
N VAL C 137 -23.05 6.19 -6.20
CA VAL C 137 -22.15 6.80 -7.16
C VAL C 137 -22.26 8.32 -7.10
N ASP C 138 -23.48 8.83 -6.98
CA ASP C 138 -23.64 10.26 -6.83
C ASP C 138 -22.91 10.75 -5.58
N ALA C 139 -23.02 10.01 -4.48
CA ALA C 139 -22.30 10.39 -3.27
C ALA C 139 -20.81 10.41 -3.51
N LEU C 140 -20.29 9.37 -4.14
CA LEU C 140 -18.85 9.30 -4.42
C LEU C 140 -18.40 10.50 -5.24
N VAL C 141 -19.18 10.88 -6.24
CA VAL C 141 -18.80 12.04 -7.03
C VAL C 141 -18.86 13.30 -6.19
N MET C 142 -19.84 13.39 -5.29
CA MET C 142 -19.99 14.60 -4.49
C MET C 142 -18.78 14.86 -3.58
N THR C 143 -17.87 13.91 -3.46
CA THR C 143 -16.63 14.14 -2.72
C THR C 143 -15.45 14.44 -3.62
N ILE C 144 -15.69 14.69 -4.90
CA ILE C 144 -14.61 15.13 -5.79
C ILE C 144 -14.30 16.61 -5.55
N PRO C 145 -15.30 17.51 -5.51
CA PRO C 145 -14.98 18.91 -5.20
C PRO C 145 -14.45 19.10 -3.80
N ALA C 146 -14.62 18.12 -2.92
CA ALA C 146 -13.96 18.17 -1.62
C ALA C 146 -12.45 18.17 -1.79
N LEU C 147 -11.90 17.10 -2.36
CA LEU C 147 -10.47 17.03 -2.64
C LEU C 147 -10.18 17.69 -3.99
N GLY C 148 -10.45 18.99 -4.04
CA GLY C 148 -10.20 19.72 -5.26
C GLY C 148 -8.78 20.22 -5.34
N ASN C 149 -8.38 21.01 -4.35
CA ASN C 149 -7.08 21.66 -4.42
C ASN C 149 -5.95 20.65 -4.44
N ILE C 150 -6.03 19.65 -3.55
CA ILE C 150 -4.96 18.66 -3.43
C ILE C 150 -4.62 18.07 -4.79
N LEU C 151 -5.62 17.87 -5.63
CA LEU C 151 -5.33 17.36 -6.96
C LEU C 151 -4.57 18.38 -7.79
N ILE C 152 -4.86 19.67 -7.62
CA ILE C 152 -4.10 20.69 -8.32
C ILE C 152 -2.66 20.67 -7.87
N LEU C 153 -2.44 20.55 -6.56
CA LEU C 153 -1.09 20.46 -6.03
C LEU C 153 -0.36 19.25 -6.59
N MET C 154 -1.05 18.11 -6.66
CA MET C 154 -0.42 16.91 -7.17
C MET C 154 -0.10 17.05 -8.64
N SER C 155 -0.96 17.71 -9.40
CA SER C 155 -0.67 17.93 -10.81
C SER C 155 0.56 18.80 -10.97
N ILE C 156 0.63 19.91 -10.22
CA ILE C 156 1.82 20.75 -10.25
C ILE C 156 3.06 19.91 -9.96
N PHE C 157 2.98 19.08 -8.93
CA PHE C 157 4.11 18.28 -8.53
C PHE C 157 4.57 17.36 -9.66
N PHE C 158 3.61 16.63 -10.22
CA PHE C 158 3.92 15.70 -11.31
C PHE C 158 4.58 16.44 -12.46
N TYR C 159 4.01 17.58 -12.85
CA TYR C 159 4.54 18.28 -14.01
C TYR C 159 5.96 18.75 -13.75
N ILE C 160 6.20 19.34 -12.58
CA ILE C 160 7.53 19.81 -12.24
C ILE C 160 8.53 18.66 -12.33
N PHE C 161 8.21 17.55 -11.69
CA PHE C 161 9.19 16.48 -11.64
C PHE C 161 9.39 15.85 -13.02
N ALA C 162 8.35 15.79 -13.83
CA ALA C 162 8.53 15.28 -15.18
C ALA C 162 9.47 16.16 -15.98
N VAL C 163 9.25 17.47 -15.93
CA VAL C 163 10.13 18.38 -16.63
C VAL C 163 11.56 18.22 -16.13
N ILE C 164 11.74 18.12 -14.83
CA ILE C 164 13.09 18.04 -14.29
C ILE C 164 13.76 16.76 -14.72
N GLY C 165 13.00 15.67 -14.78
CA GLY C 165 13.60 14.40 -15.16
C GLY C 165 14.01 14.38 -16.62
N THR C 166 13.11 14.82 -17.50
CA THR C 166 13.35 14.59 -18.92
C THR C 166 14.58 15.29 -19.44
N MET C 167 15.07 16.31 -18.74
CA MET C 167 16.28 16.99 -19.18
C MET C 167 17.53 16.40 -18.57
N LEU C 168 17.42 15.76 -17.42
CA LEU C 168 18.57 15.14 -16.79
C LEU C 168 18.91 13.81 -17.43
N PHE C 169 17.95 12.90 -17.48
CA PHE C 169 18.20 11.52 -17.86
C PHE C 169 17.80 11.23 -19.30
N GLN C 170 17.77 12.25 -20.14
CA GLN C 170 17.27 12.05 -21.50
C GLN C 170 18.18 11.16 -22.31
N HIS C 171 19.50 11.28 -22.11
CA HIS C 171 20.45 10.57 -22.95
C HIS C 171 21.12 9.41 -22.23
N VAL C 172 20.60 9.00 -21.08
CA VAL C 172 21.18 7.87 -20.38
C VAL C 172 20.14 6.77 -20.28
N SER C 173 18.87 7.14 -20.30
CA SER C 173 17.76 6.19 -20.29
C SER C 173 16.70 6.66 -21.26
N PRO C 174 16.91 6.44 -22.56
CA PRO C 174 15.89 6.84 -23.53
C PRO C 174 14.58 6.13 -23.33
N GLU C 175 14.61 4.95 -22.71
CA GLU C 175 13.40 4.16 -22.54
C GLU C 175 12.37 4.89 -21.68
N TYR C 176 12.72 5.17 -20.44
CA TYR C 176 11.75 5.72 -19.50
C TYR C 176 11.63 7.22 -19.63
N PHE C 177 12.77 7.92 -19.71
CA PHE C 177 12.78 9.37 -19.80
C PHE C 177 13.18 9.76 -21.22
N GLY C 178 12.20 9.85 -22.09
CA GLY C 178 12.50 10.22 -23.45
C GLY C 178 11.83 11.50 -23.88
N ASN C 179 10.65 11.77 -23.34
CA ASN C 179 9.89 12.96 -23.70
C ASN C 179 9.18 13.45 -22.46
N LEU C 180 8.53 14.60 -22.59
CA LEU C 180 7.67 15.04 -21.50
C LEU C 180 6.44 14.16 -21.38
N GLN C 181 6.06 13.47 -22.46
CA GLN C 181 4.93 12.55 -22.37
C GLN C 181 5.36 11.22 -21.77
N LEU C 182 6.32 10.56 -22.40
CA LEU C 182 6.77 9.26 -21.93
C LEU C 182 7.25 9.33 -20.48
N SER C 183 8.00 10.36 -20.14
CA SER C 183 8.46 10.47 -18.77
C SER C 183 7.32 10.71 -17.80
N LEU C 184 6.22 11.27 -18.28
CA LEU C 184 5.08 11.43 -17.40
C LEU C 184 4.43 10.11 -17.08
N LEU C 185 4.92 9.03 -17.67
CA LEU C 185 4.51 7.68 -17.34
C LEU C 185 5.41 7.12 -16.25
N THR C 186 6.72 7.09 -16.51
CA THR C 186 7.68 6.64 -15.52
C THR C 186 7.48 7.36 -14.20
N LEU C 187 7.03 8.61 -14.24
CA LEU C 187 6.71 9.28 -13.00
C LEU C 187 5.40 8.83 -12.41
N PHE C 188 4.61 8.05 -13.14
CA PHE C 188 3.38 7.53 -12.57
C PHE C 188 3.58 6.14 -11.99
N GLN C 189 4.26 5.27 -12.70
CA GLN C 189 4.52 3.95 -12.16
C GLN C 189 5.63 3.98 -11.14
N VAL C 190 6.02 5.15 -10.66
CA VAL C 190 6.89 5.30 -9.52
C VAL C 190 6.13 5.80 -8.30
N VAL C 191 5.17 6.72 -8.50
CA VAL C 191 4.39 7.17 -7.37
C VAL C 191 3.55 6.06 -6.80
N THR C 192 3.26 5.02 -7.57
CA THR C 192 2.59 3.85 -7.06
C THR C 192 3.56 2.83 -6.51
N LEU C 193 4.83 3.20 -6.36
CA LEU C 193 5.84 2.34 -5.76
C LEU C 193 5.95 1.01 -6.50
N GLU C 194 5.84 1.05 -7.81
CA GLU C 194 5.87 -0.17 -8.61
C GLU C 194 7.22 -0.30 -9.28
N SER C 195 8.08 -1.15 -8.73
CA SER C 195 9.39 -1.43 -9.30
C SER C 195 10.17 -0.15 -9.51
N TRP C 196 9.98 0.81 -8.62
CA TRP C 196 10.66 2.08 -8.79
C TRP C 196 12.15 1.98 -8.49
N ALA C 197 12.57 0.97 -7.74
CA ALA C 197 13.99 0.85 -7.45
C ALA C 197 14.70 -0.05 -8.44
N SER C 198 14.30 -1.31 -8.52
CA SER C 198 15.03 -2.28 -9.32
C SER C 198 14.38 -2.37 -10.69
N GLY C 199 14.71 -1.40 -11.52
CA GLY C 199 14.19 -1.39 -12.87
C GLY C 199 13.87 0.00 -13.37
N VAL C 200 13.91 0.98 -12.50
CA VAL C 200 13.72 2.37 -12.90
C VAL C 200 14.91 3.19 -12.46
N MET C 201 15.54 2.79 -11.37
CA MET C 201 16.54 3.62 -10.73
C MET C 201 17.91 2.99 -10.71
N ARG C 202 18.03 1.78 -10.21
CA ARG C 202 19.32 1.12 -10.16
C ARG C 202 20.04 1.11 -11.50
N PRO C 203 19.38 0.90 -12.65
CA PRO C 203 20.10 0.99 -13.92
C PRO C 203 20.42 2.42 -14.35
N ILE C 204 19.78 3.41 -13.74
CA ILE C 204 20.12 4.81 -13.98
C ILE C 204 21.12 5.31 -12.96
N PHE C 205 20.84 5.06 -11.68
CA PHE C 205 21.74 5.41 -10.59
C PHE C 205 23.14 4.86 -10.81
N ALA C 206 23.29 3.84 -11.66
CA ALA C 206 24.62 3.34 -11.95
C ALA C 206 25.43 4.34 -12.76
N GLU C 207 24.79 4.99 -13.74
CA GLU C 207 25.54 5.90 -14.61
C GLU C 207 25.68 7.28 -13.97
N VAL C 208 24.58 7.96 -13.74
CA VAL C 208 24.62 9.24 -13.06
C VAL C 208 24.47 8.98 -11.57
N PRO C 209 25.55 9.00 -10.80
CA PRO C 209 25.48 8.52 -9.42
C PRO C 209 24.65 9.40 -8.52
N TRP C 210 24.61 10.69 -8.79
CA TRP C 210 23.82 11.57 -7.95
C TRP C 210 22.35 11.52 -8.27
N SER C 211 21.91 10.55 -9.07
CA SER C 211 20.53 10.52 -9.50
C SER C 211 19.58 10.21 -8.36
N TRP C 212 20.06 9.53 -7.32
CA TRP C 212 19.16 9.08 -6.28
C TRP C 212 18.37 10.23 -5.69
N LEU C 213 19.00 11.38 -5.52
CA LEU C 213 18.31 12.52 -4.89
C LEU C 213 17.02 12.85 -5.61
N TYR C 214 16.90 12.47 -6.87
CA TYR C 214 15.64 12.60 -7.57
C TYR C 214 14.57 11.75 -6.91
N PHE C 215 14.71 10.43 -7.00
CA PHE C 215 13.62 9.55 -6.60
C PHE C 215 13.37 9.64 -5.11
N VAL C 216 14.43 9.53 -4.30
CA VAL C 216 14.26 9.62 -2.86
C VAL C 216 13.58 10.92 -2.45
N SER C 217 13.65 11.95 -3.30
CA SER C 217 12.84 13.13 -3.02
C SER C 217 11.40 12.89 -3.44
N PHE C 218 11.19 12.55 -4.71
CA PHE C 218 9.85 12.40 -5.23
C PHE C 218 9.06 11.39 -4.42
N VAL C 219 9.53 10.15 -4.39
CA VAL C 219 8.88 9.08 -3.65
C VAL C 219 8.54 9.55 -2.25
N LEU C 220 9.41 10.37 -1.66
CA LEU C 220 9.07 10.95 -0.37
C LEU C 220 7.87 11.85 -0.49
N ILE C 221 8.06 12.99 -1.15
CA ILE C 221 7.06 14.06 -1.07
C ILE C 221 5.75 13.59 -1.66
N GLY C 222 5.79 13.00 -2.84
CA GLY C 222 4.59 12.41 -3.40
C GLY C 222 3.83 11.63 -2.37
N THR C 223 4.47 10.63 -1.77
CA THR C 223 3.81 9.82 -0.75
C THR C 223 3.16 10.70 0.29
N PHE C 224 3.93 11.64 0.86
CA PHE C 224 3.38 12.53 1.86
C PHE C 224 2.08 13.13 1.40
N ILE C 225 2.10 13.80 0.25
CA ILE C 225 0.89 14.43 -0.26
C ILE C 225 -0.24 13.42 -0.27
N ILE C 226 -0.01 12.26 -0.89
CA ILE C 226 -1.06 11.25 -1.00
C ILE C 226 -1.60 10.93 0.38
N PHE C 227 -0.72 10.61 1.33
CA PHE C 227 -1.18 10.33 2.68
C PHE C 227 -2.12 11.43 3.15
N ASN C 228 -1.67 12.67 3.07
CA ASN C 228 -2.50 13.76 3.55
C ASN C 228 -3.82 13.82 2.80
N LEU C 229 -3.79 13.67 1.47
CA LEU C 229 -5.02 13.65 0.71
C LEU C 229 -6.00 12.67 1.31
N PHE C 230 -5.54 11.44 1.55
CA PHE C 230 -6.39 10.44 2.15
C PHE C 230 -6.99 10.95 3.45
N ILE C 231 -6.13 11.45 4.36
CA ILE C 231 -6.63 11.95 5.63
C ILE C 231 -7.59 13.10 5.40
N GLY C 232 -7.30 13.95 4.42
CA GLY C 232 -8.16 15.08 4.16
C GLY C 232 -9.59 14.66 3.86
N VAL C 233 -9.78 13.43 3.41
CA VAL C 233 -11.13 12.95 3.17
C VAL C 233 -11.69 12.33 4.43
N ILE C 234 -10.87 11.55 5.15
CA ILE C 234 -11.35 10.85 6.33
C ILE C 234 -12.00 11.82 7.30
N VAL C 235 -11.19 12.74 7.84
CA VAL C 235 -11.82 13.73 8.70
C VAL C 235 -12.35 14.80 7.78
N ASN C 236 -13.34 14.39 7.00
CA ASN C 236 -14.35 15.21 6.37
C ASN C 236 -15.69 14.51 6.42
N ASN C 237 -15.71 13.19 6.58
CA ASN C 237 -16.94 12.45 6.74
C ASN C 237 -17.31 12.26 8.20
N VAL C 238 -16.32 12.30 9.09
CA VAL C 238 -16.63 12.42 10.52
C VAL C 238 -17.37 13.71 10.78
N GLU C 239 -17.11 14.73 9.97
CA GLU C 239 -17.78 16.03 10.12
C GLU C 239 -19.05 16.08 9.29
N LYS C 240 -19.03 15.55 8.07
CA LYS C 240 -20.24 15.45 7.27
C LYS C 240 -20.40 14.06 6.68
N LYS D 15 3.17 60.78 -1.08
CA LYS D 15 4.50 60.21 -1.25
C LYS D 15 4.50 58.72 -0.92
N MET D 16 3.65 58.34 0.02
CA MET D 16 3.50 56.94 0.37
C MET D 16 2.68 56.22 -0.69
N GLN D 17 2.97 54.94 -0.88
CA GLN D 17 2.24 54.11 -1.84
C GLN D 17 1.08 53.46 -1.11
N LYS D 18 -0.12 53.99 -1.31
CA LYS D 18 -1.26 53.57 -0.49
C LYS D 18 -2.02 52.40 -1.11
N ILE D 19 -2.58 52.58 -2.30
CA ILE D 19 -3.39 51.56 -2.94
C ILE D 19 -2.58 50.95 -4.08
N VAL D 20 -2.48 49.63 -4.09
CA VAL D 20 -1.72 48.96 -5.14
C VAL D 20 -2.45 47.74 -5.66
N ASN D 21 -3.49 47.30 -4.94
CA ASN D 21 -4.14 46.03 -5.23
C ASN D 21 -5.43 46.23 -6.02
N HIS D 22 -5.77 45.21 -6.81
CA HIS D 22 -7.02 45.19 -7.57
C HIS D 22 -7.32 43.74 -7.95
N ARG D 23 -8.33 43.54 -8.80
CA ARG D 23 -8.81 42.19 -9.09
C ARG D 23 -7.74 41.36 -9.79
N ALA D 24 -7.35 41.76 -10.99
CA ALA D 24 -6.40 40.98 -11.78
C ALA D 24 -4.97 41.09 -11.27
N PHE D 25 -4.75 41.89 -10.21
CA PHE D 25 -3.44 42.05 -9.60
C PHE D 25 -2.71 40.73 -9.44
N THR D 26 -3.45 39.65 -9.20
CA THR D 26 -2.91 38.31 -9.19
C THR D 26 -3.19 37.55 -10.48
N PHE D 27 -4.43 37.65 -10.98
CA PHE D 27 -4.87 36.90 -12.14
C PHE D 27 -3.85 36.95 -13.27
N THR D 28 -3.35 38.15 -13.58
CA THR D 28 -2.37 38.24 -14.65
C THR D 28 -1.10 37.48 -14.31
N VAL D 29 -0.69 37.50 -13.05
CA VAL D 29 0.53 36.83 -12.66
C VAL D 29 0.39 35.33 -12.80
N ILE D 30 -0.74 34.78 -12.34
CA ILE D 30 -0.90 33.34 -12.41
C ILE D 30 -1.03 32.88 -13.86
N ALA D 31 -1.71 33.68 -14.69
CA ALA D 31 -1.76 33.36 -16.11
C ALA D 31 -0.36 33.33 -16.71
N LEU D 32 0.44 34.34 -16.38
CA LEU D 32 1.79 34.41 -16.91
C LEU D 32 2.60 33.21 -16.45
N ILE D 33 2.44 32.80 -15.20
CA ILE D 33 3.14 31.64 -14.68
C ILE D 33 2.74 30.39 -15.45
N LEU D 34 1.46 30.26 -15.77
CA LEU D 34 1.02 29.13 -16.55
C LEU D 34 1.72 29.12 -17.90
N PHE D 35 1.79 30.28 -18.56
CA PHE D 35 2.49 30.32 -19.84
C PHE D 35 3.96 29.97 -19.66
N ASN D 36 4.55 30.40 -18.54
CA ASN D 36 5.94 30.05 -18.26
C ASN D 36 6.10 28.55 -18.18
N ALA D 37 5.20 27.89 -17.48
CA ALA D 37 5.25 26.44 -17.42
C ALA D 37 5.15 25.83 -18.81
N LEU D 38 4.23 26.34 -19.62
CA LEU D 38 4.04 25.79 -20.95
C LEU D 38 5.33 25.88 -21.76
N ILE D 39 5.99 27.04 -21.73
CA ILE D 39 7.16 27.21 -22.57
C ILE D 39 8.34 26.41 -22.02
N VAL D 40 8.51 26.39 -20.69
CA VAL D 40 9.61 25.63 -20.13
C VAL D 40 9.40 24.15 -20.33
N GLY D 41 8.16 23.71 -20.54
CA GLY D 41 7.93 22.33 -20.86
C GLY D 41 8.27 22.06 -22.31
N ILE D 42 7.73 22.89 -23.21
CA ILE D 42 8.02 22.71 -24.63
C ILE D 42 9.51 22.64 -24.86
N GLU D 43 10.26 23.51 -24.22
CA GLU D 43 11.68 23.64 -24.53
C GLU D 43 12.45 22.34 -24.32
N THR D 44 11.86 21.34 -23.69
CA THR D 44 12.56 20.09 -23.41
C THR D 44 12.59 19.13 -24.58
N TYR D 45 12.15 19.56 -25.76
CA TYR D 45 12.25 18.72 -26.94
C TYR D 45 13.49 19.09 -27.71
N PRO D 46 14.31 18.13 -28.15
CA PRO D 46 15.61 18.50 -28.72
C PRO D 46 15.49 19.25 -30.03
N ARG D 47 14.74 18.72 -30.99
CA ARG D 47 14.64 19.34 -32.30
C ARG D 47 13.99 20.71 -32.21
N ILE D 48 12.79 20.77 -31.64
CA ILE D 48 12.01 22.00 -31.65
C ILE D 48 12.77 23.12 -30.95
N TYR D 49 13.37 22.81 -29.82
CA TYR D 49 14.18 23.81 -29.13
C TYR D 49 15.41 24.19 -29.95
N ALA D 50 16.04 23.21 -30.60
CA ALA D 50 17.24 23.50 -31.35
C ALA D 50 16.97 24.30 -32.61
N ASP D 51 15.72 24.39 -33.04
CA ASP D 51 15.41 25.12 -34.27
C ASP D 51 14.99 26.57 -34.01
N HIS D 52 14.44 26.88 -32.85
CA HIS D 52 14.07 28.26 -32.52
C HIS D 52 14.67 28.56 -31.14
N LYS D 53 15.94 28.95 -31.13
CA LYS D 53 16.57 29.18 -29.85
C LYS D 53 16.54 30.65 -29.46
N TRP D 54 16.67 31.55 -30.44
CA TRP D 54 16.66 32.98 -30.15
C TRP D 54 15.36 33.38 -29.47
N LEU D 55 14.23 32.87 -29.97
CA LEU D 55 12.95 33.22 -29.39
C LEU D 55 12.85 32.73 -27.96
N PHE D 56 13.25 31.49 -27.72
CA PHE D 56 13.21 30.95 -26.36
C PHE D 56 14.09 31.77 -25.44
N TYR D 57 15.28 32.13 -25.91
CA TYR D 57 16.17 33.00 -25.15
C TYR D 57 15.44 34.27 -24.74
N ARG D 58 14.92 34.98 -25.72
CA ARG D 58 14.35 36.30 -25.45
C ARG D 58 13.14 36.20 -24.53
N ILE D 59 12.31 35.18 -24.72
CA ILE D 59 11.13 35.07 -23.87
C ILE D 59 11.53 34.68 -22.46
N ASP D 60 12.52 33.81 -22.31
CA ASP D 60 12.97 33.50 -20.97
C ASP D 60 13.45 34.76 -20.26
N LEU D 61 14.25 35.56 -20.95
CA LEU D 61 14.74 36.81 -20.36
C LEU D 61 13.57 37.70 -19.95
N VAL D 62 12.60 37.89 -20.84
CA VAL D 62 11.54 38.83 -20.52
C VAL D 62 10.68 38.32 -19.36
N LEU D 63 10.39 37.02 -19.33
CA LEU D 63 9.62 36.47 -18.21
C LEU D 63 10.37 36.65 -16.90
N LEU D 64 11.67 36.38 -16.91
CA LEU D 64 12.48 36.64 -15.74
C LEU D 64 12.29 38.07 -15.26
N TRP D 65 12.37 39.02 -16.18
CA TRP D 65 12.27 40.42 -15.80
C TRP D 65 10.87 40.76 -15.30
N ILE D 66 9.84 40.13 -15.85
CA ILE D 66 8.48 40.37 -15.37
C ILE D 66 8.36 39.93 -13.92
N PHE D 67 8.80 38.71 -13.61
CA PHE D 67 8.74 38.25 -12.22
C PHE D 67 9.54 39.18 -11.32
N THR D 68 10.70 39.61 -11.79
CA THR D 68 11.54 40.50 -11.01
C THR D 68 10.79 41.77 -10.66
N ILE D 69 10.31 42.48 -11.67
CA ILE D 69 9.64 43.75 -11.41
C ILE D 69 8.37 43.53 -10.61
N GLU D 70 7.75 42.36 -10.74
CA GLU D 70 6.55 42.06 -9.98
C GLU D 70 6.85 42.02 -8.49
N ILE D 71 7.77 41.13 -8.11
CA ILE D 71 8.08 40.97 -6.70
C ILE D 71 8.66 42.27 -6.14
N ALA D 72 9.40 43.01 -6.98
CA ALA D 72 9.93 44.29 -6.51
C ALA D 72 8.81 45.29 -6.27
N MET D 73 7.80 45.29 -7.14
CA MET D 73 6.65 46.14 -6.94
C MET D 73 5.98 45.83 -5.62
N ARG D 74 5.76 44.56 -5.34
CA ARG D 74 5.17 44.19 -4.06
C ARG D 74 6.03 44.65 -2.90
N PHE D 75 7.35 44.44 -3.01
CA PHE D 75 8.25 44.83 -1.94
C PHE D 75 8.12 46.32 -1.64
N LEU D 76 8.34 47.15 -2.66
CA LEU D 76 8.27 48.59 -2.43
C LEU D 76 6.91 48.99 -1.91
N ALA D 77 5.85 48.44 -2.48
CA ALA D 77 4.52 48.73 -1.97
C ALA D 77 4.08 47.69 -0.95
N SER D 78 4.96 47.37 -0.01
CA SER D 78 4.59 46.48 1.08
C SER D 78 4.94 47.05 2.45
N ASN D 79 4.99 48.39 2.59
CA ASN D 79 5.35 49.04 3.84
C ASN D 79 6.67 48.48 4.37
N PRO D 80 7.79 48.82 3.72
CA PRO D 80 9.07 48.12 3.97
C PRO D 80 9.44 47.93 5.42
N LYS D 81 9.48 49.02 6.19
CA LYS D 81 9.93 48.94 7.57
C LYS D 81 9.08 48.00 8.40
N SER D 82 7.80 47.90 8.12
CA SER D 82 6.94 46.95 8.81
C SER D 82 7.10 45.57 8.18
N ALA D 83 6.24 44.64 8.56
CA ALA D 83 6.45 43.22 8.29
C ALA D 83 6.13 42.91 6.84
N PHE D 84 7.15 42.92 5.99
CA PHE D 84 7.08 42.27 4.70
C PHE D 84 8.05 41.10 4.62
N PHE D 85 9.34 41.36 4.81
CA PHE D 85 10.33 40.30 4.89
C PHE D 85 10.16 39.48 6.15
N ARG D 86 9.26 39.88 7.04
CA ARG D 86 8.99 39.13 8.26
C ARG D 86 8.14 37.90 7.97
N SER D 87 7.28 37.96 6.95
CA SER D 87 6.41 36.84 6.59
C SER D 87 7.13 35.89 5.64
N SER D 88 7.01 34.60 5.92
CA SER D 88 7.87 33.59 5.30
C SER D 88 7.55 33.39 3.82
N TRP D 89 6.27 33.51 3.44
CA TRP D 89 5.88 33.29 2.06
C TRP D 89 6.68 34.18 1.11
N ASN D 90 6.76 35.47 1.44
CA ASN D 90 7.50 36.39 0.59
C ASN D 90 8.97 36.06 0.56
N TRP D 91 9.51 35.55 1.67
CA TRP D 91 10.86 35.04 1.64
C TRP D 91 10.99 33.93 0.62
N PHE D 92 10.01 33.06 0.54
CA PHE D 92 10.06 31.95 -0.42
C PHE D 92 10.01 32.47 -1.84
N ASP D 93 9.10 33.40 -2.10
CA ASP D 93 9.04 34.04 -3.41
C ASP D 93 10.38 34.64 -3.80
N PHE D 94 10.94 35.43 -2.89
CA PHE D 94 12.21 36.09 -3.13
C PHE D 94 13.30 35.07 -3.42
N LEU D 95 13.35 34.00 -2.64
CA LEU D 95 14.32 32.95 -2.89
C LEU D 95 14.17 32.39 -4.29
N ILE D 96 12.94 32.14 -4.72
CA ILE D 96 12.73 31.57 -6.05
C ILE D 96 13.26 32.51 -7.13
N VAL D 97 12.94 33.80 -6.99
CA VAL D 97 13.39 34.76 -7.99
C VAL D 97 14.91 34.85 -8.00
N THR D 98 15.52 34.84 -6.82
CA THR D 98 16.97 34.87 -6.75
C THR D 98 17.59 33.63 -7.38
N LEU D 99 16.92 32.50 -7.26
CA LEU D 99 17.47 31.29 -7.86
C LEU D 99 17.41 31.37 -9.37
N SER D 100 16.31 31.88 -9.91
CA SER D 100 16.25 32.13 -11.35
C SER D 100 17.36 33.09 -11.77
N LEU D 101 17.62 34.11 -10.95
CA LEU D 101 18.69 35.05 -11.28
C LEU D 101 20.06 34.38 -11.23
N VAL D 102 20.28 33.53 -10.24
CA VAL D 102 21.53 32.75 -10.18
C VAL D 102 21.71 31.99 -11.47
N GLU D 103 20.64 31.33 -11.91
CA GLU D 103 20.66 30.69 -13.21
C GLU D 103 21.13 31.66 -14.28
N LEU D 104 20.49 32.82 -14.39
CA LEU D 104 20.80 33.73 -15.48
C LEU D 104 22.25 34.21 -15.43
N PHE D 105 22.61 34.95 -14.38
CA PHE D 105 23.90 35.61 -14.33
C PHE D 105 25.06 34.64 -14.18
N LEU D 106 24.80 33.38 -13.89
CA LEU D 106 25.80 32.33 -13.85
C LEU D 106 25.42 31.25 -14.84
N ALA D 107 25.08 31.69 -16.06
CA ALA D 107 24.33 30.86 -17.00
C ALA D 107 25.01 29.53 -17.34
N ASP D 108 26.13 29.59 -18.04
CA ASP D 108 26.66 28.38 -18.66
C ASP D 108 28.18 28.34 -18.55
N VAL D 109 28.72 28.56 -17.35
CA VAL D 109 30.17 28.49 -17.22
C VAL D 109 30.62 27.08 -17.55
N GLU D 110 30.36 26.11 -16.67
CA GLU D 110 30.31 24.73 -17.10
C GLU D 110 29.20 23.98 -16.37
N GLY D 111 29.07 24.24 -15.07
CA GLY D 111 28.23 23.43 -14.21
C GLY D 111 26.77 23.72 -14.42
N LEU D 112 26.29 23.52 -15.64
CA LEU D 112 24.94 23.89 -16.01
C LEU D 112 23.93 22.79 -15.80
N SER D 113 24.38 21.53 -15.76
CA SER D 113 23.47 20.41 -15.65
C SER D 113 22.51 20.59 -14.49
N VAL D 114 23.03 20.96 -13.33
CA VAL D 114 22.20 21.11 -12.15
C VAL D 114 21.87 22.59 -12.02
N LEU D 115 22.02 23.32 -13.12
CA LEU D 115 21.64 24.73 -13.13
C LEU D 115 20.41 25.01 -13.96
N ARG D 116 20.29 24.38 -15.14
CA ARG D 116 19.08 24.53 -15.93
C ARG D 116 17.85 24.13 -15.14
N ILE D 117 18.01 23.23 -14.17
CA ILE D 117 16.88 22.75 -13.39
C ILE D 117 16.16 23.91 -12.73
N LEU D 118 16.90 24.82 -12.10
CA LEU D 118 16.26 25.93 -11.42
C LEU D 118 15.43 26.77 -12.35
N ARG D 119 15.69 26.70 -13.65
CA ARG D 119 14.82 27.35 -14.62
C ARG D 119 13.40 26.84 -14.56
N VAL D 120 13.13 25.80 -13.78
CA VAL D 120 11.84 25.15 -13.74
C VAL D 120 11.04 25.56 -12.53
N LEU D 121 11.62 25.46 -11.33
CA LEU D 121 10.81 25.62 -10.14
C LEU D 121 10.17 26.98 -10.02
N ARG D 122 10.51 27.92 -10.89
CA ARG D 122 9.80 29.19 -10.90
C ARG D 122 8.31 29.00 -11.14
N VAL D 123 7.90 27.85 -11.67
CA VAL D 123 6.47 27.62 -11.84
C VAL D 123 5.80 27.32 -10.52
N LEU D 124 6.49 26.69 -9.58
CA LEU D 124 5.77 26.28 -8.38
C LEU D 124 5.44 27.46 -7.48
N ARG D 125 6.01 28.63 -7.74
CA ARG D 125 5.52 29.79 -7.01
C ARG D 125 4.05 30.02 -7.25
N ALA D 126 3.44 29.26 -8.16
CA ALA D 126 1.99 29.25 -8.29
C ALA D 126 1.34 29.05 -6.93
N ILE D 127 1.82 28.09 -6.14
CA ILE D 127 1.16 27.80 -4.88
C ILE D 127 1.26 28.98 -3.93
N SER D 128 2.09 29.97 -4.23
CA SER D 128 2.11 31.17 -3.41
C SER D 128 0.97 32.10 -3.77
N VAL D 129 0.67 32.25 -5.06
CA VAL D 129 -0.16 33.35 -5.49
C VAL D 129 -1.64 33.04 -5.28
N VAL D 130 -2.08 31.84 -5.68
CA VAL D 130 -3.50 31.49 -5.55
C VAL D 130 -3.80 31.18 -4.09
N PRO D 131 -4.70 31.91 -3.45
CA PRO D 131 -4.78 31.85 -1.99
C PRO D 131 -5.19 30.50 -1.45
N SER D 132 -6.03 29.77 -2.18
CA SER D 132 -6.47 28.47 -1.69
C SER D 132 -5.29 27.53 -1.53
N LEU D 133 -4.43 27.47 -2.55
CA LEU D 133 -3.25 26.63 -2.46
C LEU D 133 -2.33 27.09 -1.34
N ARG D 134 -2.19 28.40 -1.17
CA ARG D 134 -1.36 28.89 -0.08
C ARG D 134 -1.87 28.40 1.26
N ARG D 135 -3.17 28.54 1.49
CA ARG D 135 -3.75 28.10 2.76
C ARG D 135 -3.56 26.61 2.94
N LEU D 136 -3.79 25.84 1.88
CA LEU D 136 -3.67 24.39 1.98
C LEU D 136 -2.25 23.97 2.32
N VAL D 137 -1.27 24.56 1.64
CA VAL D 137 0.12 24.17 1.86
C VAL D 137 0.57 24.57 3.25
N ASP D 138 0.19 25.76 3.69
CA ASP D 138 0.52 26.16 5.05
C ASP D 138 -0.10 25.19 6.06
N ALA D 139 -1.34 24.78 5.81
CA ALA D 139 -1.97 23.81 6.71
C ALA D 139 -1.18 22.50 6.73
N LEU D 140 -0.82 22.00 5.55
CA LEU D 140 -0.06 20.76 5.46
C LEU D 140 1.24 20.86 6.24
N VAL D 141 1.93 21.98 6.14
CA VAL D 141 3.17 22.13 6.89
C VAL D 141 2.89 22.18 8.37
N MET D 142 1.78 22.80 8.77
CA MET D 142 1.47 22.93 10.18
C MET D 142 1.25 21.59 10.87
N THR D 143 1.15 20.51 10.11
CA THR D 143 1.06 19.18 10.69
C THR D 143 2.39 18.45 10.68
N ILE D 144 3.49 19.12 10.37
CA ILE D 144 4.80 18.51 10.47
C ILE D 144 5.24 18.46 11.93
N PRO D 145 5.17 19.55 12.70
CA PRO D 145 5.52 19.45 14.13
C PRO D 145 4.61 18.54 14.91
N ALA D 146 3.44 18.21 14.36
CA ALA D 146 2.60 17.20 14.99
C ALA D 146 3.31 15.86 15.02
N LEU D 147 3.62 15.32 13.84
CA LEU D 147 4.38 14.07 13.74
C LEU D 147 5.88 14.37 13.81
N GLY D 148 6.28 14.91 14.95
CA GLY D 148 7.67 15.23 15.13
C GLY D 148 8.47 14.05 15.64
N ASN D 149 8.06 13.52 16.80
CA ASN D 149 8.85 12.48 17.44
C ASN D 149 8.93 11.24 16.58
N ILE D 150 7.79 10.81 16.03
CA ILE D 150 7.73 9.58 15.25
C ILE D 150 8.81 9.58 14.19
N LEU D 151 9.07 10.73 13.59
CA LEU D 151 10.14 10.79 12.59
C LEU D 151 11.50 10.57 13.23
N ILE D 152 11.70 11.05 14.45
CA ILE D 152 12.96 10.80 15.14
C ILE D 152 13.11 9.31 15.39
N LEU D 153 12.03 8.66 15.83
CA LEU D 153 12.07 7.22 16.06
C LEU D 153 12.38 6.48 14.77
N MET D 154 11.77 6.90 13.67
CA MET D 154 12.02 6.23 12.40
C MET D 154 13.44 6.43 11.94
N SER D 155 13.99 7.62 12.17
CA SER D 155 15.40 7.86 11.82
C SER D 155 16.31 6.96 12.63
N ILE D 156 16.09 6.88 13.94
CA ILE D 156 16.86 5.96 14.77
C ILE D 156 16.80 4.55 14.20
N PHE D 157 15.59 4.12 13.87
CA PHE D 157 15.39 2.77 13.37
C PHE D 157 16.19 2.53 12.10
N PHE D 158 16.05 3.44 11.14
CA PHE D 158 16.76 3.31 9.87
C PHE D 158 18.25 3.23 10.11
N TYR D 159 18.78 4.11 10.95
CA TYR D 159 20.22 4.15 11.15
C TYR D 159 20.71 2.85 11.76
N ILE D 160 20.01 2.38 12.80
CA ILE D 160 20.41 1.14 13.45
C ILE D 160 20.44 0.01 12.43
N PHE D 161 19.38 -0.14 11.66
CA PHE D 161 19.33 -1.28 10.76
C PHE D 161 20.35 -1.16 9.65
N ALA D 162 20.63 0.05 9.19
CA ALA D 162 21.66 0.22 8.18
C ALA D 162 23.01 -0.21 8.71
N VAL D 163 23.35 0.25 9.92
CA VAL D 163 24.62 -0.14 10.51
C VAL D 163 24.68 -1.65 10.65
N ILE D 164 23.59 -2.27 11.11
CA ILE D 164 23.63 -3.69 11.35
C ILE D 164 23.78 -4.45 10.05
N GLY D 165 23.16 -3.96 8.97
CA GLY D 165 23.25 -4.66 7.71
C GLY D 165 24.64 -4.56 7.11
N THR D 166 25.22 -3.36 7.09
CA THR D 166 26.42 -3.16 6.32
C THR D 166 27.59 -3.99 6.82
N MET D 167 27.55 -4.46 8.06
CA MET D 167 28.63 -5.28 8.57
C MET D 167 28.37 -6.76 8.36
N LEU D 168 27.11 -7.16 8.24
CA LEU D 168 26.79 -8.56 8.03
C LEU D 168 27.00 -8.94 6.57
N PHE D 169 26.35 -8.22 5.66
CA PHE D 169 26.26 -8.61 4.27
C PHE D 169 27.23 -7.86 3.39
N GLN D 170 28.30 -7.34 3.96
CA GLN D 170 29.20 -6.47 3.20
C GLN D 170 29.93 -7.25 2.11
N HIS D 171 30.29 -8.49 2.38
CA HIS D 171 31.11 -9.26 1.45
C HIS D 171 30.34 -10.35 0.73
N VAL D 172 29.02 -10.33 0.80
CA VAL D 172 28.24 -11.33 0.10
C VAL D 172 27.36 -10.63 -0.93
N SER D 173 27.03 -9.37 -0.67
CA SER D 173 26.25 -8.56 -1.61
C SER D 173 26.85 -7.16 -1.65
N PRO D 174 27.95 -6.98 -2.37
CA PRO D 174 28.54 -5.64 -2.46
C PRO D 174 27.61 -4.65 -3.11
N GLU D 175 26.67 -5.11 -3.93
CA GLU D 175 25.79 -4.22 -4.65
C GLU D 175 24.93 -3.40 -3.70
N TYR D 176 24.10 -4.07 -2.91
CA TYR D 176 23.13 -3.35 -2.08
C TYR D 176 23.74 -2.89 -0.78
N PHE D 177 24.48 -3.77 -0.12
CA PHE D 177 25.09 -3.45 1.17
C PHE D 177 26.59 -3.28 0.97
N GLY D 178 26.99 -2.07 0.64
CA GLY D 178 28.40 -1.83 0.43
C GLY D 178 28.97 -0.81 1.37
N ASN D 179 28.16 0.16 1.77
CA ASN D 179 28.60 1.22 2.66
C ASN D 179 27.46 1.59 3.57
N LEU D 180 27.72 2.48 4.52
CA LEU D 180 26.63 3.00 5.31
C LEU D 180 25.75 3.92 4.49
N GLN D 181 26.26 4.48 3.39
CA GLN D 181 25.44 5.29 2.52
C GLN D 181 24.61 4.42 1.59
N LEU D 182 25.28 3.60 0.80
CA LEU D 182 24.58 2.76 -0.17
C LEU D 182 23.56 1.88 0.51
N SER D 183 23.92 1.28 1.64
CA SER D 183 22.96 0.44 2.33
C SER D 183 21.79 1.23 2.87
N LEU D 184 21.98 2.52 3.14
CA LEU D 184 20.85 3.32 3.56
C LEU D 184 19.86 3.54 2.44
N LEU D 185 20.16 3.05 1.25
CA LEU D 185 19.23 3.03 0.13
C LEU D 185 18.46 1.73 0.13
N THR D 186 19.17 0.60 0.07
CA THR D 186 18.52 -0.69 0.13
C THR D 186 17.59 -0.79 1.32
N LEU D 187 17.89 -0.10 2.40
CA LEU D 187 16.96 -0.06 3.52
C LEU D 187 15.79 0.86 3.27
N PHE D 188 15.83 1.67 2.20
CA PHE D 188 14.69 2.50 1.88
C PHE D 188 13.77 1.84 0.88
N GLN D 189 14.34 1.27 -0.17
CA GLN D 189 13.49 0.57 -1.12
C GLN D 189 13.05 -0.77 -0.62
N VAL D 190 13.22 -1.04 0.68
CA VAL D 190 12.62 -2.19 1.32
C VAL D 190 11.47 -1.77 2.24
N VAL D 191 11.62 -0.64 2.93
CA VAL D 191 10.52 -0.18 3.76
C VAL D 191 9.31 0.17 2.93
N THR D 192 9.49 0.48 1.65
CA THR D 192 8.37 0.69 0.75
C THR D 192 7.90 -0.60 0.11
N LEU D 193 8.39 -1.74 0.59
CA LEU D 193 7.95 -3.05 0.11
C LEU D 193 8.15 -3.19 -1.39
N GLU D 194 9.24 -2.67 -1.90
CA GLU D 194 9.50 -2.68 -3.33
C GLU D 194 10.54 -3.74 -3.64
N SER D 195 10.08 -4.88 -4.14
CA SER D 195 10.97 -5.96 -4.55
C SER D 195 11.91 -6.36 -3.42
N TRP D 196 11.43 -6.27 -2.19
CA TRP D 196 12.28 -6.58 -1.06
C TRP D 196 12.54 -8.06 -0.94
N ALA D 197 11.72 -8.90 -1.53
CA ALA D 197 11.95 -10.34 -1.42
C ALA D 197 12.75 -10.87 -2.61
N SER D 198 12.22 -10.73 -3.81
CA SER D 198 12.82 -11.35 -4.98
C SER D 198 13.71 -10.33 -5.66
N GLY D 199 14.90 -10.16 -5.10
CA GLY D 199 15.85 -9.24 -5.68
C GLY D 199 16.66 -8.49 -4.64
N VAL D 200 16.28 -8.61 -3.38
CA VAL D 200 17.06 -8.02 -2.30
C VAL D 200 17.42 -9.08 -1.30
N MET D 201 16.58 -10.09 -1.17
CA MET D 201 16.72 -11.05 -0.09
C MET D 201 17.00 -12.46 -0.58
N ARG D 202 16.17 -12.98 -1.46
CA ARG D 202 16.39 -14.33 -1.97
C ARG D 202 17.81 -14.56 -2.48
N PRO D 203 18.46 -13.63 -3.18
CA PRO D 203 19.86 -13.85 -3.56
C PRO D 203 20.84 -13.72 -2.43
N ILE D 204 20.44 -13.11 -1.32
CA ILE D 204 21.28 -13.06 -0.13
C ILE D 204 20.97 -14.21 0.81
N PHE D 205 19.68 -14.41 1.09
CA PHE D 205 19.23 -15.52 1.91
C PHE D 205 19.74 -16.86 1.41
N ALA D 206 20.15 -16.94 0.15
CA ALA D 206 20.73 -18.17 -0.35
C ALA D 206 22.08 -18.45 0.29
N GLU D 207 22.92 -17.41 0.43
CA GLU D 207 24.26 -17.63 0.95
C GLU D 207 24.27 -17.68 2.47
N VAL D 208 23.90 -16.58 3.11
CA VAL D 208 23.79 -16.57 4.57
C VAL D 208 22.37 -16.97 4.93
N PRO D 209 22.15 -18.22 5.34
CA PRO D 209 20.77 -18.70 5.46
C PRO D 209 20.00 -18.05 6.58
N TRP D 210 20.67 -17.65 7.64
CA TRP D 210 19.97 -17.00 8.74
C TRP D 210 19.67 -15.56 8.46
N SER D 211 19.84 -15.10 7.22
CA SER D 211 19.67 -13.69 6.94
C SER D 211 18.23 -13.24 7.07
N TRP D 212 17.27 -14.16 6.90
CA TRP D 212 15.88 -13.77 6.86
C TRP D 212 15.48 -12.98 8.11
N LEU D 213 16.00 -13.38 9.27
CA LEU D 213 15.62 -12.72 10.51
C LEU D 213 15.85 -11.22 10.43
N TYR D 214 16.75 -10.78 9.56
CA TYR D 214 16.91 -9.36 9.32
C TYR D 214 15.63 -8.77 8.75
N PHE D 215 15.29 -9.14 7.52
CA PHE D 215 14.21 -8.46 6.82
C PHE D 215 12.89 -8.69 7.50
N VAL D 216 12.56 -9.95 7.80
CA VAL D 216 11.30 -10.23 8.46
C VAL D 216 11.16 -9.47 9.77
N SER D 217 12.28 -9.04 10.36
CA SER D 217 12.15 -8.14 11.50
C SER D 217 11.88 -6.73 11.02
N PHE D 218 12.77 -6.20 10.18
CA PHE D 218 12.65 -4.82 9.73
C PHE D 218 11.28 -4.56 9.10
N VAL D 219 11.00 -5.27 8.02
CA VAL D 219 9.73 -5.13 7.31
C VAL D 219 8.59 -5.17 8.29
N LEU D 220 8.71 -5.99 9.33
CA LEU D 220 7.68 -5.98 10.36
C LEU D 220 7.65 -4.64 11.07
N ILE D 221 8.69 -4.36 11.85
CA ILE D 221 8.63 -3.25 12.79
C ILE D 221 8.47 -1.94 12.04
N GLY D 222 9.28 -1.72 11.01
CA GLY D 222 9.09 -0.55 10.17
C GLY D 222 7.63 -0.34 9.84
N THR D 223 7.02 -1.35 9.21
CA THR D 223 5.61 -1.23 8.85
C THR D 223 4.78 -0.79 10.05
N PHE D 224 4.93 -1.48 11.17
CA PHE D 224 4.19 -1.12 12.36
C PHE D 224 4.30 0.37 12.64
N ILE D 225 5.53 0.85 12.78
CA ILE D 225 5.74 2.27 13.06
C ILE D 225 4.95 3.11 12.08
N ILE D 226 5.15 2.85 10.79
CA ILE D 226 4.48 3.64 9.76
C ILE D 226 2.98 3.64 10.00
N PHE D 227 2.40 2.45 10.15
CA PHE D 227 0.97 2.37 10.42
C PHE D 227 0.61 3.32 11.54
N ASN D 228 1.29 3.19 12.68
CA ASN D 228 0.96 4.03 13.81
C ASN D 228 1.12 5.49 13.48
N LEU D 229 2.20 5.87 12.80
CA LEU D 229 2.38 7.25 12.39
C LEU D 229 1.14 7.75 11.68
N PHE D 230 0.68 6.99 10.69
CA PHE D 230 -0.52 7.37 9.97
C PHE D 230 -1.68 7.61 10.94
N ILE D 231 -1.94 6.64 11.82
CA ILE D 231 -3.03 6.79 12.76
C ILE D 231 -2.79 7.99 13.65
N GLY D 232 -1.55 8.21 14.05
CA GLY D 232 -1.24 9.33 14.92
C GLY D 232 -1.69 10.65 14.33
N VAL D 233 -1.80 10.72 13.00
CA VAL D 233 -2.29 11.94 12.38
C VAL D 233 -3.80 11.92 12.30
N ILE D 234 -4.38 10.77 11.94
CA ILE D 234 -5.83 10.68 11.75
C ILE D 234 -6.55 11.17 13.00
N VAL D 235 -6.38 10.46 14.11
CA VAL D 235 -6.99 10.95 15.32
C VAL D 235 -6.02 11.97 15.88
N ASN D 236 -5.88 13.05 15.13
CA ASN D 236 -5.43 14.36 15.55
C ASN D 236 -6.24 15.43 14.85
N ASN D 237 -6.85 15.11 13.72
CA ASN D 237 -7.72 16.05 13.03
C ASN D 237 -9.17 15.87 13.44
N VAL D 238 -9.54 14.68 13.91
CA VAL D 238 -10.83 14.53 14.58
C VAL D 238 -10.88 15.41 15.81
N GLU D 239 -9.71 15.64 16.43
CA GLU D 239 -9.63 16.48 17.62
C GLU D 239 -9.40 17.94 17.25
N LYS D 240 -8.53 18.19 16.27
CA LYS D 240 -8.35 19.55 15.78
C LYS D 240 -8.40 19.60 14.26
N POV E . 39.17 10.31 0.82
P POV E . 36.38 6.16 1.39
C1 POV E . 35.64 7.83 3.26
C2 POV E . 34.15 8.15 3.13
C3 POV E . 33.86 8.65 1.71
C210 POV E . 25.37 10.09 12.07
C310 POV E . 23.95 9.71 7.89
C11 POV E . 37.93 8.16 0.51
O11 POV E . 35.85 6.48 2.93
C211 POV E . 25.12 10.23 13.59
C311 POV E . 22.82 8.75 8.39
C12 POV E . 37.85 9.70 0.62
O12 POV E . 36.62 7.61 0.62
C212 POV E . 23.62 10.48 13.84
C312 POV E . 21.61 9.60 8.86
C13 POV E . 39.92 9.59 1.80
O13 POV E . 35.32 5.37 0.65
C213 POV E . 22.76 9.62 12.87
C313 POV E . 20.62 8.67 9.59
C14 POV E . 39.88 10.31 -0.42
O14 POV E . 37.66 5.36 1.44
C214 POV E . 21.31 9.57 13.39
C314 POV E . 19.18 9.06 9.18
C15 POV E . 38.99 11.67 1.27
C215 POV E . 21.22 8.56 14.55
C315 POV E . 18.87 8.46 7.79
C216 POV E . 19.98 8.88 15.40
C316 POV E . 17.39 8.68 7.47
C217 POV E . 20.40 8.99 16.87
C218 POV E . 20.06 10.40 17.37
C21 POV E . 33.18 8.69 5.21
O21 POV E . 33.82 9.16 4.04
C22 POV E . 32.78 9.69 6.33
O22 POV E . 32.95 7.54 5.35
C23 POV E . 32.16 8.86 7.49
C24 POV E . 30.62 8.78 7.29
C25 POV E . 30.01 8.11 8.54
C26 POV E . 29.16 9.15 9.30
C27 POV E . 27.98 8.41 9.98
C28 POV E . 26.80 9.37 10.16
C29 POV E . 26.51 9.53 11.66
C31 POV E . 31.94 9.72 0.78
O31 POV E . 32.45 8.61 1.51
C32 POV E . 30.68 10.46 1.30
O32 POV E . 32.47 10.06 -0.22
C33 POV E . 30.61 10.27 2.83
C34 POV E . 29.22 10.70 3.34
C35 POV E . 28.31 9.44 3.45
C36 POV E . 27.71 9.39 4.87
C37 POV E . 26.19 9.09 4.76
C38 POV E . 25.44 9.91 5.86
C39 POV E . 24.93 8.94 6.96
N POV F . -2.52 -22.67 -18.21
P POV F . -6.86 -23.05 -18.57
C1 POV F . -6.48 -21.49 -16.52
C2 POV F . -7.82 -21.04 -15.98
C3 POV F . -7.66 -19.58 -15.55
C210 POV F . -14.06 -16.46 -12.57
C310 POV F . -12.14 -9.60 -7.85
C11 POV F . -4.45 -24.06 -18.99
O11 POV F . -6.58 -22.82 -16.96
C211 POV F . -13.90 -16.09 -11.08
C311 POV F . -11.88 -9.14 -6.40
C12 POV F . -3.60 -23.56 -17.79
O12 POV F . -5.39 -23.05 -19.34
C212 POV F . -15.14 -15.30 -10.62
C312 POV F . -12.66 -7.84 -6.11
C13 POV F . -2.98 -21.31 -18.20
O13 POV F . -7.57 -24.37 -18.78
C213 POV F . -14.91 -14.73 -9.20
C313 POV F . -14.14 -8.20 -5.80
C14 POV F . -1.43 -22.79 -17.29
O14 POV F . -7.70 -21.91 -19.10
C214 POV F . -14.37 -15.84 -8.27
C314 POV F . -14.16 -9.30 -4.72
C15 POV F . -2.04 -22.99 -19.54
C215 POV F . -13.46 -15.23 -7.19
C315 POV F . -15.55 -9.97 -4.69
C216 POV F . -12.55 -16.31 -6.64
C316 POV F . -15.46 -11.26 -3.87
C217 POV F . -12.06 -15.92 -5.25
C218 POV F . -12.28 -17.08 -4.28
C21 POV F . -9.05 -22.90 -15.21
O21 POV F . -8.20 -21.81 -14.88
C22 POV F . -9.85 -23.62 -14.10
O22 POV F . -9.16 -23.25 -16.35
C23 POV F . -11.13 -22.84 -13.76
C24 POV F . -11.45 -21.83 -14.88
C25 POV F . -12.90 -21.33 -14.71
C26 POV F . -12.87 -19.96 -14.02
C27 POV F . -13.34 -20.16 -12.57
C28 POV F . -13.60 -18.80 -11.90
C29 POV F . -13.92 -17.74 -12.95
C31 POV F . -8.54 -18.15 -13.93
O31 POV F . -8.00 -19.44 -14.18
C32 POV F . -8.71 -17.66 -12.46
O32 POV F . -8.86 -17.46 -14.82
C33 POV F . -9.66 -16.45 -12.48
C34 POV F . -9.07 -15.36 -11.55
C35 POV F . -10.21 -14.79 -10.69
C36 POV F . -9.89 -13.33 -10.30
C37 POV F . -11.15 -12.76 -9.61
C38 POV F . -10.75 -11.55 -8.73
C39 POV F . -12.02 -11.15 -7.92
N POV G . -1.78 -31.53 -12.71
P POV G . -4.32 -31.99 -9.50
C1 POV G . -4.62 -29.39 -9.19
C2 POV G . -5.49 -29.61 -7.97
C3 POV G . -6.90 -29.06 -8.25
C210 POV G . -8.55 -21.96 1.77
C310 POV G . -12.34 -26.98 0.61
C11 POV G . -2.38 -33.14 -10.88
O11 POV G . -4.75 -30.49 -10.07
C211 POV G . -8.97 -22.24 3.24
C311 POV G . -12.88 -25.52 0.71
C12 POV G . -1.66 -31.82 -11.28
O12 POV G . -3.77 -32.92 -10.78
C212 POV G . -10.01 -21.19 3.69
C312 POV G . -13.32 -25.23 2.17
C13 POV G . -0.62 -30.80 -13.15
O13 POV G . -5.53 -32.68 -8.90
C213 POV G . -9.42 -20.36 4.85
C313 POV G . -14.12 -23.91 2.20
C14 POV G . -1.86 -32.72 -13.49
O14 POV G . -3.24 -31.87 -8.46
C214 POV G . -10.56 -19.70 5.65
C314 POV G . -14.31 -23.45 3.67
C15 POV G . -2.96 -30.72 -12.94
C215 POV G . -10.10 -19.46 7.11
C315 POV G . -14.78 -24.63 4.53
C216 POV G . -10.51 -18.06 7.55
C316 POV G . -15.41 -24.09 5.82
C217 POV G . -9.71 -17.66 8.78
C218 POV G . -10.31 -16.39 9.40
C21 POV G . -5.20 -27.67 -6.60
O21 POV G . -4.91 -29.04 -6.84
C22 POV G . -6.04 -27.25 -5.37
O22 POV G . -4.78 -26.84 -7.32
C23 POV G . -5.83 -25.74 -5.12
C24 POV G . -7.09 -25.17 -4.42
C25 POV G . -7.08 -25.59 -2.93
C26 POV G . -6.79 -24.34 -2.06
C27 POV G . -8.09 -23.96 -1.32
C28 POV G . -7.78 -22.71 -0.47
C29 POV G . -8.19 -22.98 0.99
C31 POV G . -9.17 -29.71 -8.37
O31 POV G . -7.82 -30.14 -8.32
C32 POV G . -9.73 -28.76 -7.26
O32 POV G . -9.88 -30.08 -9.24
C33 POV G . -10.84 -27.86 -7.85
C34 POV G . -11.34 -26.82 -6.80
C35 POV G . -11.21 -27.43 -5.37
C36 POV G . -11.45 -26.32 -4.31
C37 POV G . -10.83 -26.80 -2.96
C38 POV G . -11.69 -26.29 -1.76
C39 POV G . -11.23 -27.04 -0.47
N POV H . 17.88 -34.30 12.11
P POV H . 14.84 -32.75 8.39
C1 POV H . 13.57 -32.33 10.64
C2 POV H . 13.23 -30.85 10.79
C3 POV H . 14.50 -30.02 10.64
C210 POV H . 2.98 -25.22 15.69
C310 POV H . 5.88 -22.63 13.55
C11 POV H . 16.90 -33.50 9.95
O11 POV H . 13.44 -32.70 9.29
C211 POV H . 1.63 -25.45 16.42
C311 POV H . 4.67 -21.96 12.82
C12 POV H . 17.33 -33.13 11.39
O12 POV H . 16.11 -32.43 9.42
C212 POV H . 0.95 -24.09 16.67
C312 POV H . 4.11 -20.82 13.69
C13 POV H . 17.06 -35.45 11.90
O13 POV H . 14.79 -31.71 7.31
C213 POV H . 1.13 -23.17 15.44
C313 POV H . 2.77 -20.32 13.09
C14 POV H . 19.20 -34.55 11.63
O14 POV H . 14.99 -34.12 7.76
C214 POV H . 0.13 -22.00 15.52
C314 POV H . 2.71 -18.80 13.18
C15 POV H . 17.92 -33.99 13.52
C215 POV H . -1.26 -22.52 15.08
C315 POV H . 3.56 -18.18 12.06
C216 POV H . -2.34 -21.58 15.64
C316 POV H . 3.34 -16.67 12.03
C217 POV H . -3.39 -22.41 16.38
C218 POV H . -3.44 -21.96 17.84
C21 POV H . 11.29 -30.51 12.07
O21 POV H . 12.69 -30.62 12.06
C22 POV H . 10.54 -30.28 13.41
O22 POV H . 10.66 -30.57 11.07
C23 POV H . 9.02 -30.26 13.12
C24 POV H . 8.58 -28.80 12.85
C25 POV H . 7.04 -28.78 12.73
C26 POV H . 6.43 -28.02 13.93
C27 POV H . 5.16 -27.30 13.46
C28 POV H . 4.90 -26.07 14.35
C29 POV H . 3.56 -26.26 15.08
C31 POV H . 14.96 -27.72 11.11
O31 POV H . 14.13 -28.66 10.43
C32 POV H . 14.31 -26.56 11.92
O32 POV H . 16.14 -27.82 11.04
C33 POV H . 12.91 -27.04 12.38
C34 POV H . 12.10 -25.81 12.88
C35 POV H . 11.21 -25.28 11.74
C36 POV H . 9.75 -25.20 12.24
C37 POV H . 9.17 -23.82 11.84
C38 POV H . 8.25 -23.32 12.98
C39 POV H . 6.76 -23.40 12.53
N POV I . -1.20 -0.83 -34.01
P POV I . -5.07 0.38 -33.27
C1 POV I . -4.50 1.10 -30.79
C2 POV I . -5.96 1.48 -30.56
C3 POV I . -6.04 2.97 -30.25
C210 POV I . -12.68 2.73 -19.78
C310 POV I . -14.93 5.56 -25.05
C11 POV I . -3.57 -1.20 -34.78
O11 POV I . -4.21 1.27 -32.16
C211 POV I . -14.20 2.60 -19.45
C311 POV I . -14.70 6.33 -23.71
C12 POV I . -2.49 -1.46 -33.69
O12 POV I . -4.10 0.10 -34.60
C212 POV I . -14.58 3.64 -18.37
C312 POV I . -16.01 6.32 -22.88
C13 POV I . -0.12 -1.60 -33.45
O13 POV I . -6.28 1.16 -33.72
C213 POV I . -15.05 2.88 -17.10
C313 POV I . -15.87 7.32 -21.72
C14 POV I . -1.00 -0.73 -35.42
O14 POV I . -5.51 -0.92 -32.67
C214 POV I . -15.93 3.80 -16.24
C314 POV I . -17.01 7.13 -20.70
C15 POV I . -1.17 0.49 -33.42
C215 POV I . -16.89 2.95 -15.39
C315 POV I . -18.36 7.03 -21.44
C216 POV I . -16.93 3.50 -13.96
C316 POV I . -19.49 7.31 -20.45
C217 POV I . -17.53 2.44 -13.04
C218 POV I . -17.83 3.08 -11.67
C21 POV I . -6.33 1.16 -28.20
O21 POV I . -6.51 0.70 -29.52
C22 POV I . -7.55 1.64 -27.37
O22 POV I . -5.25 1.18 -27.71
C23 POV I . -7.14 1.65 -25.88
C24 POV I . -7.99 2.70 -25.14
C25 POV I . -9.43 2.16 -24.91
C26 POV I . -9.62 1.85 -23.41
C27 POV I . -10.57 2.90 -22.81
C28 POV I . -10.75 2.57 -21.33
C29 POV I . -12.25 2.45 -21.00
C31 POV I . -7.05 4.98 -31.02
O31 POV I . -6.73 3.62 -31.30
C32 POV I . -7.86 5.33 -29.74
O32 POV I . -6.71 5.84 -31.76
C33 POV I . -7.47 6.74 -29.22
C34 POV I . -8.18 7.06 -27.88
C35 POV I . -9.57 6.38 -27.83
C36 POV I . -10.16 6.47 -26.41
C37 POV I . -11.25 5.37 -26.26
C38 POV I . -12.42 5.87 -25.36
C39 POV I . -13.61 4.88 -25.49
N POV J . 27.77 3.95 -8.08
P POV J . 29.31 6.41 -4.80
C1 POV J . 26.71 6.47 -4.56
C2 POV J . 26.35 7.28 -3.33
C3 POV J . 25.16 6.60 -2.65
C210 POV J . 22.57 10.16 3.69
C310 POV J . 14.52 7.84 5.36
C11 POV J . 29.65 5.40 -7.22
O11 POV J . 27.83 7.06 -5.18
C211 POV J . 21.15 10.74 3.51
C311 POV J . 13.04 8.26 5.16
C12 POV J . 28.21 5.33 -7.82
O12 POV J . 29.57 5.13 -5.82
C212 POV J . 20.64 11.24 4.88
C312 POV J . 12.27 8.11 6.49
C13 POV J . 27.11 3.44 -6.92
O13 POV J . 30.37 7.47 -5.00
C213 POV J . 19.14 11.59 4.77
C313 POV J . 12.58 9.33 7.38
C14 POV J . 26.87 3.95 -9.17
O14 POV J . 29.29 5.94 -3.37
C214 POV J . 18.90 12.48 3.53
C314 POV J . 12.36 10.62 6.58
C15 POV J . 28.89 3.08 -8.41
C215 POV J . 17.48 12.25 2.98
C315 POV J . 13.04 11.80 7.28
C216 POV J . 17.44 12.68 1.52
C316 POV J . 13.10 12.99 6.32
C217 POV J . 16.00 12.98 1.11
C218 POV J . 15.94 14.37 0.46
C21 POV J . 27.08 9.51 -3.57
O21 POV J . 26.00 8.59 -3.67
C22 POV J . 26.80 11.04 -3.57
O22 POV J . 28.20 9.12 -3.50
C23 POV J . 26.38 11.51 -2.16
C24 POV J . 26.80 10.46 -1.10
C25 POV J . 26.73 11.09 0.30
C26 POV J . 25.40 10.68 0.95
C27 POV J . 24.48 11.91 0.95
C28 POV J . 23.24 11.66 1.83
C29 POV J . 23.56 10.60 2.89
C31 POV J . 23.28 7.21 -1.41
O31 POV J . 24.08 7.50 -2.56
C32 POV J . 21.88 7.86 -1.26
O32 POV J . 23.69 6.49 -0.58
C33 POV J . 21.43 7.71 0.21
C34 POV J . 19.95 7.30 0.21
C35 POV J . 19.23 8.11 1.31
C36 POV J . 18.01 7.31 1.83
C37 POV J . 17.45 8.09 3.04
C38 POV J . 15.98 7.67 3.28
C39 POV J . 15.41 8.64 4.37
N POV K . 28.20 11.94 -14.83
P POV K . 26.54 15.52 -13.66
C1 POV K . 24.91 14.34 -11.95
C2 POV K . 24.28 15.68 -11.59
C3 POV K . 24.53 15.97 -10.11
C210 POV K . 13.00 18.68 -6.43
C310 POV K . 17.64 23.04 -6.16
C11 POV K . 27.82 14.29 -15.64
O11 POV K . 26.25 14.54 -12.34
C211 POV K . 12.10 19.93 -6.51
C311 POV K . 16.88 22.56 -4.90
C12 POV K . 27.21 12.89 -15.36
O12 POV K . 27.94 15.00 -14.41
C212 POV K . 11.41 20.17 -5.16
C312 POV K . 15.67 23.50 -4.64
C13 POV K . 27.86 10.60 -15.25
O13 POV K . 26.74 16.95 -13.21
C213 POV K . 9.88 20.02 -5.34
C313 POV K . 15.09 23.20 -3.24
C14 POV K . 29.52 12.24 -15.30
O14 POV K . 25.39 15.45 -14.63
C214 POV K . 9.14 20.77 -4.21
C314 POV K . 13.71 23.88 -3.08
C15 POV K . 28.18 12.01 -13.38
C215 POV K . 7.74 21.19 -4.69
C315 POV K . 13.80 25.35 -3.55
C216 POV K . 6.72 20.86 -3.60
C316 POV K . 12.63 26.13 -2.97
C217 POV K . 5.31 20.89 -4.21
C218 POV K . 4.27 20.86 -3.08
C21 POV K . 22.03 15.20 -10.94
O21 POV K . 22.92 15.70 -11.91
C22 POV K . 21.02 16.16 -10.25
O22 POV K . 22.03 14.06 -10.65
C23 POV K . 19.91 15.31 -9.58
C24 POV K . 19.33 16.09 -8.39
C25 POV K . 18.40 17.20 -8.88
C26 POV K . 16.94 16.84 -8.54
C27 POV K . 16.46 17.74 -7.40
C28 POV K . 15.01 17.35 -7.08
C29 POV K . 14.11 18.61 -7.16
C31 POV K . 25.52 17.57 -8.66
O31 POV K . 25.41 17.08 -9.99
C32 POV K . 24.24 17.97 -7.87
O32 POV K . 26.59 17.68 -8.17
C33 POV K . 24.48 17.75 -6.36
C34 POV K . 23.18 18.04 -5.56
C35 POV K . 22.37 19.16 -6.25
C36 POV K . 20.95 19.26 -5.61
C37 POV K . 20.02 20.00 -6.62
C38 POV K . 18.98 20.88 -5.86
C39 POV K . 18.27 21.82 -6.90
N POV L . -15.88 -27.57 -25.11
P POV L . -13.31 -23.25 -25.43
C1 POV L . -15.56 -22.71 -24.20
C2 POV L . -15.29 -22.13 -22.81
C3 POV L . -14.37 -23.08 -22.03
C210 POV L . -21.32 -13.08 -16.30
C310 POV L . -17.48 -14.53 -14.64
C11 POV L . -14.12 -25.80 -25.34
O11 POV L . -14.58 -22.23 -25.10
C211 POV L . -22.54 -12.13 -16.27
C311 POV L . -17.06 -13.04 -14.41
C12 POV L . -15.06 -26.59 -24.39
O12 POV L . -13.59 -24.68 -24.63
C212 POV L . -22.52 -11.29 -14.98
C312 POV L . -17.60 -12.57 -13.04
C13 POV L . -16.43 -26.98 -26.31
O13 POV L . -12.04 -22.62 -24.92
C213 POV L . -21.07 -10.86 -14.64
C313 POV L . -17.42 -11.04 -12.93
C14 POV L . -15.07 -28.69 -25.45
O14 POV L . -13.21 -23.46 -26.91
C214 POV L . -21.09 -9.71 -13.62
C314 POV L . -16.97 -10.69 -11.50
C15 POV L . -16.96 -27.99 -24.26
C215 POV L . -21.44 -8.40 -14.35
C315 POV L . -15.46 -10.99 -11.35
C216 POV L . -21.98 -7.39 -13.34
C316 POV L . -14.99 -10.45 -9.99
C217 POV L . -23.32 -6.84 -13.85
C218 POV L . -24.42 -7.18 -12.84
C21 POV L . -16.99 -20.68 -22.08
O21 POV L . -16.49 -22.01 -22.12
C22 POV L . -18.34 -20.38 -21.38
O22 POV L . -16.39 -19.80 -22.58
C23 POV L . -18.66 -18.88 -21.57
C24 POV L . -18.07 -18.07 -20.38
C25 POV L . -18.54 -16.61 -20.50
C26 POV L . -19.53 -16.29 -19.35
C27 POV L . -19.35 -14.80 -18.97
C28 POV L . -19.75 -14.60 -17.51
C29 POV L . -20.96 -13.64 -17.45
C31 POV L . -13.77 -23.18 -19.73
O31 POV L . -13.86 -22.39 -20.91
C32 POV L . -14.31 -22.60 -18.38
O32 POV L . -13.30 -24.26 -19.77
C33 POV L . -15.39 -21.55 -18.71
C34 POV L . -15.69 -20.72 -17.43
C35 POV L . -14.85 -19.41 -17.48
C36 POV L . -15.80 -18.21 -17.29
C37 POV L . -15.19 -17.25 -16.23
C38 POV L . -16.33 -16.67 -15.35
C39 POV L . -16.54 -15.17 -15.72
N POV M . 6.40 3.49 -28.27
P POV M . 4.92 7.53 -29.03
C1 POV M . 3.88 6.83 -26.74
C2 POV M . 3.08 7.99 -26.19
C3 POV M . 3.30 8.01 -24.68
C210 POV M . -0.58 13.61 -21.02
C310 POV M . -1.39 11.74 -12.71
C11 POV M . 5.84 5.23 -29.97
O11 POV M . 3.74 6.79 -28.13
C211 POV M . -1.65 13.05 -20.06
C311 POV M . -2.36 11.13 -11.68
C12 POV M . 5.31 4.16 -28.98
O12 POV M . 6.14 6.42 -29.25
C212 POV M . -2.23 14.21 -19.22
C312 POV M . -2.43 12.03 -10.42
C13 POV M . 6.69 4.20 -27.06
O13 POV M . 4.35 7.95 -30.37
C213 POV M . -3.14 13.65 -18.10
C313 POV M . -3.39 13.20 -10.71
C14 POV M . 5.98 2.16 -27.95
O14 POV M . 5.45 8.72 -28.28
C214 POV M . -4.12 12.62 -18.69
C314 POV M . -4.71 12.65 -11.27
C15 POV M . 7.60 3.40 -29.06
C215 POV M . -4.48 11.57 -17.63
C315 POV M . -5.51 13.79 -11.95
C216 POV M . -5.00 10.32 -18.34
C316 POV M . -6.64 13.18 -12.78
C217 POV M . -5.84 9.50 -17.37
C218 POV M . -7.18 9.15 -18.04
C21 POV M . 1.29 8.50 -27.63
O21 POV M . 1.72 7.82 -26.47
C22 POV M . -0.22 8.71 -27.89
O22 POV M . 2.08 8.88 -28.43
C23 POV M . -0.73 9.95 -27.09
C24 POV M . 0.46 10.84 -26.69
C25 POV M . -0.07 12.21 -26.25
C26 POV M . -0.15 12.25 -24.72
C27 POV M . -1.64 12.18 -24.33
C28 POV M . -1.81 12.47 -22.84
C29 POV M . -0.65 13.33 -22.32
C31 POV M . 2.09 8.60 -22.77
O31 POV M . 2.06 7.91 -24.00
C32 POV M . 0.98 8.38 -21.72
O32 POV M . 2.97 9.36 -22.53
C33 POV M . 1.04 9.52 -20.69
C34 POV M . 0.87 8.90 -19.28
C35 POV M . -0.10 9.80 -18.48
C36 POV M . 0.21 9.68 -16.97
C37 POV M . -0.65 10.74 -16.25
C38 POV M . -0.81 10.35 -14.76
C39 POV M . -1.84 11.32 -14.14
N POV N . 18.85 -22.21 1.98
P POV N . 17.53 -24.17 5.66
C1 POV N . 16.37 -21.83 5.65
C2 POV N . 15.47 -21.72 6.87
C3 POV N . 14.21 -20.97 6.44
C210 POV N . 9.09 -19.92 12.12
C310 POV N . 3.77 -13.51 10.22
C11 POV N . 19.35 -23.91 3.76
O11 POV N . 17.52 -22.55 5.99
C211 POV N . 8.89 -18.42 12.48
C311 POV N . 3.53 -11.98 10.43
C12 POV N . 19.29 -22.40 3.36
O12 POV N . 18.05 -24.35 4.08
C212 POV N . 7.72 -18.30 13.47
C312 POV N . 2.04 -11.74 10.80
C13 POV N . 17.41 -22.07 1.96
O13 POV N . 18.48 -24.88 6.60
C213 POV N . 7.38 -16.80 13.67
C313 POV N . 1.84 -12.06 12.29
C14 POV N . 19.43 -21.02 1.47
O14 POV N . 16.14 -24.72 5.80
C214 POV N . 8.67 -15.99 13.95
C314 POV N . 2.91 -11.32 13.12
C15 POV N . 19.23 -23.31 1.12
C215 POV N . 8.50 -14.56 13.44
C315 POV N . 3.01 -11.94 14.53
C216 POV N . 9.90 -13.95 13.23
C316 POV N . 4.27 -11.44 15.22
C217 POV N . 9.80 -12.43 13.25
C218 POV N . 10.84 -11.88 14.23
C21 POV N . 16.76 -21.87 8.84
O21 POV N . 16.11 -21.03 7.90
C22 POV N . 17.20 -21.30 10.21
O22 POV N . 16.97 -23.00 8.59
C23 POV N . 16.00 -21.27 11.20
C24 POV N . 14.88 -22.21 10.69
C25 POV N . 13.88 -22.46 11.83
C26 POV N . 12.67 -21.54 11.64
C27 POV N . 12.77 -20.43 12.71
C28 POV N . 11.47 -19.63 12.76
C29 POV N . 10.29 -20.49 12.26
C31 POV N . 12.65 -19.54 7.41
O31 POV N . 14.02 -19.84 7.26
C32 POV N . 12.22 -18.16 7.98
O32 POV N . 11.84 -20.32 7.09
C33 POV N . 10.73 -18.26 8.40
C34 POV N . 10.02 -16.96 7.94
C35 POV N . 9.10 -16.51 9.09
C36 POV N . 7.92 -15.69 8.49
C37 POV N . 6.93 -15.41 9.66
C38 POV N . 6.03 -14.21 9.30
C39 POV N . 5.24 -13.84 10.59
N POV O . 27.64 -18.76 6.48
P POV O . 27.32 -16.86 10.11
C1 POV O . 24.82 -16.15 9.65
C2 POV O . 24.77 -15.40 10.97
C3 POV O . 23.70 -16.04 11.87
C210 POV O . 17.14 -6.05 15.13
C310 POV O . 20.25 -9.50 19.49
C11 POV O . 29.03 -17.66 8.26
O11 POV O . 25.73 -17.22 9.76
C211 POV O . 17.32 -4.91 16.15
C311 POV O . 18.71 -9.30 19.51
C12 POV O . 28.05 -17.48 7.06
O12 POV O . 28.28 -18.01 9.42
C212 POV O . 16.00 -4.67 16.90
C312 POV O . 18.37 -8.07 20.40
C13 POV O . 27.38 -18.59 5.07
O13 POV O . 27.52 -16.89 11.61
C213 POV O . 15.52 -3.23 16.60
C313 POV O . 16.84 -8.05 20.66
C14 POV O . 28.66 -19.75 6.62
O14 POV O . 27.67 -15.50 9.57
C214 POV O . 14.54 -2.77 17.70
C314 POV O . 16.43 -6.70 21.28
C15 POV O . 26.42 -19.21 7.13
C215 POV O . 14.57 -1.23 17.82
C315 POV O . 17.40 -6.33 22.42
C216 POV O . 13.14 -0.69 17.91
C316 POV O . 16.74 -5.28 23.31
C217 POV O . 13.15 0.81 17.62
C218 POV O . 11.78 1.40 17.95
C21 POV O . 23.17 -13.63 10.65
O21 POV O . 24.52 -14.04 10.75
C22 POV O . 22.55 -12.72 11.73
O22 POV O . 22.51 -13.97 9.73
C23 POV O . 21.23 -12.12 11.18
C24 POV O . 20.28 -11.81 12.35
C25 POV O . 20.75 -10.53 13.08
C26 POV O . 19.76 -9.40 12.81
C27 POV O . 18.97 -9.10 14.09
C28 POV O . 17.98 -7.97 13.79
C29 POV O . 18.17 -6.84 14.81
C31 POV O . 23.41 -17.09 13.97
O31 POV O . 24.33 -16.65 12.97
C32 POV O . 22.39 -16.09 14.59
O32 POV O . 23.43 -18.22 14.33
C33 POV O . 21.11 -16.84 15.02
C34 POV O . 20.04 -15.84 15.53
C35 POV O . 20.73 -14.63 16.21
C36 POV O . 19.68 -13.51 16.48
C37 POV O . 20.45 -12.17 16.68
C38 POV O . 19.73 -11.28 17.73
C39 POV O . 20.67 -10.10 18.12
N POV P . 5.43 17.01 -36.38
P POV P . 8.24 15.66 -32.43
C1 POV P . 6.52 17.44 -31.57
C2 POV P . 5.65 16.86 -30.46
C3 POV P . 5.00 15.57 -30.94
C210 POV P . 1.07 22.22 -19.92
C310 POV P . 0.61 17.83 -20.30
C11 POV P . 6.93 15.83 -34.76
O11 POV P . 7.83 16.94 -31.45
C211 POV P . 0.92 23.54 -19.11
C311 POV P . 1.10 17.68 -18.84
C12 POV P . 5.47 16.23 -35.14
O12 POV P . 6.93 15.35 -33.42
C212 POV P . 0.14 23.27 -17.82
C312 POV P . -0.11 17.83 -17.88
C13 POV P . 6.44 18.04 -36.37
O13 POV P . 8.52 14.45 -31.58
C213 POV P . 0.57 21.92 -17.21
C313 POV P . 0.41 17.95 -16.44
C14 POV P . 5.62 16.15 -37.49
O14 POV P . 9.46 16.00 -33.23
C214 POV P . 0.10 21.84 -15.74
C314 POV P . -0.51 17.15 -15.50
C15 POV P . 4.13 17.65 -36.48
C215 POV P . 1.05 22.67 -14.87
C315 POV P . -0.16 15.65 -15.61
C216 POV P . 0.34 23.06 -13.56
C316 POV P . -0.95 14.88 -14.55
C217 POV P . 0.48 24.56 -13.35
C218 POV P . -0.92 25.19 -13.30
C21 POV P . 4.91 18.50 -28.93
O21 POV P . 4.66 17.78 -30.13
C22 POV P . 3.92 19.59 -28.46
O22 POV P . 5.88 18.27 -28.30
C23 POV P . 4.51 20.24 -27.19
C24 POV P . 3.98 19.50 -25.93
C25 POV P . 4.44 20.27 -24.68
C26 POV P . 3.21 20.89 -23.98
C27 POV P . 3.49 20.91 -22.46
C28 POV P . 2.16 20.84 -21.70
C29 POV P . 1.99 22.14 -20.88
C31 POV P . 3.22 14.25 -30.04
O31 POV P . 4.48 14.87 -29.82
C32 POV P . 2.09 14.43 -29.00
O32 POV P . 3.04 13.61 -31.02
C33 POV P . 2.33 15.76 -28.25
C34 POV P . 1.43 15.80 -26.99
C35 POV P . 2.24 15.30 -25.76
C36 POV P . 2.16 16.37 -24.65
C37 POV P . 1.85 15.67 -23.30
C38 POV P . 0.88 16.55 -22.48
C39 POV P . 1.65 17.18 -21.28
#